data_4YF6
#
_entry.id   4YF6
#
_cell.length_a   101.068
_cell.length_b   153.947
_cell.length_c   157.174
_cell.angle_alpha   90.00
_cell.angle_beta   90.00
_cell.angle_gamma   90.00
#
_symmetry.space_group_name_H-M   'F 2 2 2'
#
loop_
_entity.id
_entity.type
_entity.pdbx_description
1 polymer 'Beta-carbonic anhydrase 1'
2 non-polymer 'ZINC ION'
3 non-polymer 'MAGNESIUM ION'
4 non-polymer 'CHLORIDE ION'
5 water water
#
_entity_poly.entity_id   1
_entity_poly.type   'polypeptide(L)'
_entity_poly.pdbx_seq_one_letter_code
;MAHHHHHHSGTVTDDYLANNVDYASGFKGPLPMPPSKHIAIVACMDARLDVYRMLGIKEGEAHVIRNAGCVVTDDVIRSL
AISQRLLGTREIILLHHTDCGMLTFTDDDFKRAIQDETGIRPTWSPESYPDAVEDVRQSLRRIEVNPFVTKHTSLRGFVF
DVATGKLNEVTP
;
_entity_poly.pdbx_strand_id   A,B,C,D
#
loop_
_chem_comp.id
_chem_comp.type
_chem_comp.name
_chem_comp.formula
CL non-polymer 'CHLORIDE ION' 'Cl -1'
MG non-polymer 'MAGNESIUM ION' 'Mg 2'
ZN non-polymer 'ZINC ION' 'Zn 2'
#
# COMPACT_ATOMS: atom_id res chain seq x y z
N GLY A 10 -6.13 14.96 11.25
CA GLY A 10 -6.76 13.70 11.58
C GLY A 10 -8.20 13.55 11.09
N THR A 11 -8.47 12.50 10.33
CA THR A 11 -9.82 12.16 9.86
C THR A 11 -10.35 10.96 10.61
N VAL A 12 -11.58 10.55 10.31
CA VAL A 12 -12.16 9.36 10.94
C VAL A 12 -11.52 8.08 10.38
N THR A 13 -11.00 8.14 9.15
CA THR A 13 -10.21 7.04 8.60
C THR A 13 -8.98 6.85 9.48
N ASP A 14 -8.37 7.94 9.92
CA ASP A 14 -7.21 7.90 10.83
C ASP A 14 -7.52 7.29 12.18
N ASP A 15 -8.70 7.64 12.69
CA ASP A 15 -9.16 7.16 13.99
C ASP A 15 -9.44 5.66 13.91
N TYR A 16 -10.06 5.23 12.82
CA TYR A 16 -10.35 3.81 12.68
C TYR A 16 -9.04 3.02 12.55
N LEU A 17 -8.04 3.60 11.93
CA LEU A 17 -6.73 2.98 11.79
C LEU A 17 -6.01 2.91 13.12
N ALA A 18 -6.13 3.97 13.89
CA ALA A 18 -5.75 3.95 15.29
C ALA A 18 -6.40 2.76 15.98
N ASN A 19 -7.73 2.74 15.95
CA ASN A 19 -8.50 1.65 16.54
C ASN A 19 -8.06 0.27 16.08
N ASN A 20 -7.55 0.18 14.85
CA ASN A 20 -7.11 -1.10 14.32
C ASN A 20 -5.87 -1.63 15.06
N VAL A 21 -5.11 -0.71 15.67
CA VAL A 21 -3.86 -1.10 16.30
C VAL A 21 -4.12 -1.89 17.55
N ASP A 22 -5.19 -1.50 18.25
CA ASP A 22 -5.66 -2.21 19.44
C ASP A 22 -6.25 -3.55 19.07
N TYR A 23 -7.07 -3.57 18.02
CA TYR A 23 -7.69 -4.82 17.59
C TYR A 23 -6.61 -5.83 17.19
N ALA A 24 -5.57 -5.34 16.52
CA ALA A 24 -4.54 -6.22 16.01
C ALA A 24 -3.68 -6.79 17.14
N SER A 25 -3.52 -6.00 18.20
CA SER A 25 -2.82 -6.41 19.42
C SER A 25 -3.32 -7.73 19.98
N GLY A 26 -4.64 -7.90 19.99
CA GLY A 26 -5.26 -9.13 20.46
C GLY A 26 -6.05 -9.89 19.40
N PHE A 27 -5.65 -9.79 18.15
CA PHE A 27 -6.25 -10.62 17.13
C PHE A 27 -5.64 -12.00 17.26
N LYS A 28 -6.46 -13.04 17.08
CA LYS A 28 -5.94 -14.39 17.05
C LYS A 28 -6.37 -15.02 15.72
N GLY A 29 -5.39 -15.54 14.98
CA GLY A 29 -5.66 -16.12 13.68
C GLY A 29 -4.40 -16.61 13.01
N PRO A 30 -4.52 -17.08 11.77
CA PRO A 30 -5.74 -16.99 10.95
C PRO A 30 -6.73 -18.16 11.10
N LEU A 31 -8.01 -17.86 11.03
CA LEU A 31 -9.05 -18.88 11.03
C LEU A 31 -9.19 -19.49 9.66
N PRO A 32 -9.89 -20.63 9.55
CA PRO A 32 -10.11 -21.21 8.21
C PRO A 32 -11.05 -20.39 7.33
N MET A 33 -10.79 -20.38 6.02
CA MET A 33 -11.54 -19.53 5.09
C MET A 33 -13.06 -19.74 5.08
N PRO A 34 -13.53 -20.99 4.92
CA PRO A 34 -14.99 -21.10 4.84
C PRO A 34 -15.70 -20.84 6.17
N PRO A 35 -16.83 -20.13 6.12
CA PRO A 35 -17.72 -19.90 7.26
C PRO A 35 -17.98 -21.17 8.04
N SER A 36 -17.60 -21.17 9.31
CA SER A 36 -17.64 -22.37 10.15
C SER A 36 -19.05 -22.77 10.56
N LYS A 37 -20.02 -21.90 10.35
CA LYS A 37 -21.42 -22.25 10.62
C LYS A 37 -22.23 -22.26 9.32
N HIS A 38 -21.53 -22.20 8.18
CA HIS A 38 -22.13 -22.36 6.85
C HIS A 38 -23.34 -21.47 6.56
N ILE A 39 -23.33 -20.27 7.11
CA ILE A 39 -24.46 -19.36 6.98
C ILE A 39 -23.98 -18.03 6.39
N ALA A 40 -24.87 -17.37 5.62
CA ALA A 40 -24.57 -16.08 5.01
C ALA A 40 -25.70 -15.07 5.29
N ILE A 41 -25.36 -13.89 5.78
CA ILE A 41 -26.36 -12.85 6.08
C ILE A 41 -26.42 -11.77 4.99
N VAL A 42 -27.62 -11.42 4.56
CA VAL A 42 -27.80 -10.24 3.72
C VAL A 42 -28.44 -9.11 4.50
N ALA A 43 -27.70 -8.03 4.70
CA ALA A 43 -28.15 -6.94 5.57
C ALA A 43 -28.15 -5.61 4.85
N CYS A 44 -28.45 -4.55 5.58
CA CYS A 44 -28.34 -3.20 5.03
CA CYS A 44 -28.33 -3.21 5.04
C CYS A 44 -27.08 -2.51 5.58
N MET A 45 -26.67 -1.45 4.89
CA MET A 45 -25.47 -0.71 5.25
C MET A 45 -25.70 0.35 6.32
N ASP A 46 -26.97 0.60 6.66
CA ASP A 46 -27.37 1.44 7.80
C ASP A 46 -26.39 1.41 8.99
N ALA A 47 -26.17 2.56 9.61
CA ALA A 47 -25.12 2.68 10.62
C ALA A 47 -25.53 2.14 11.97
N ARG A 48 -26.84 1.94 12.14
CA ARG A 48 -27.42 1.49 13.41
C ARG A 48 -27.43 -0.03 13.52
N LEU A 49 -26.89 -0.70 12.51
CA LEU A 49 -26.93 -2.15 12.44
C LEU A 49 -25.56 -2.79 12.55
N ASP A 50 -25.17 -3.13 13.78
CA ASP A 50 -23.98 -3.95 14.02
C ASP A 50 -24.39 -5.40 13.89
N VAL A 51 -24.36 -5.88 12.65
CA VAL A 51 -24.88 -7.21 12.32
C VAL A 51 -24.26 -8.35 13.13
N TYR A 52 -23.01 -8.18 13.55
CA TYR A 52 -22.35 -9.23 14.33
C TYR A 52 -22.94 -9.36 15.78
N ARG A 53 -23.04 -8.26 16.52
CA ARG A 53 -23.56 -8.32 17.89
C ARG A 53 -25.06 -8.58 17.88
N MET A 54 -25.67 -8.18 16.78
CA MET A 54 -27.09 -8.33 16.57
C MET A 54 -27.53 -9.80 16.62
N LEU A 55 -26.66 -10.70 16.17
CA LEU A 55 -26.98 -12.13 16.18
C LEU A 55 -25.93 -12.99 16.89
N GLY A 56 -25.04 -12.37 17.65
CA GLY A 56 -24.05 -13.13 18.40
C GLY A 56 -23.09 -13.91 17.53
N ILE A 57 -22.70 -13.31 16.41
CA ILE A 57 -21.76 -13.96 15.51
C ILE A 57 -20.32 -13.84 16.02
N LYS A 58 -19.57 -14.93 15.88
CA LYS A 58 -18.16 -14.96 16.22
C LYS A 58 -17.39 -14.95 14.91
N GLU A 59 -16.13 -14.57 14.99
CA GLU A 59 -15.30 -14.48 13.80
C GLU A 59 -15.10 -15.86 13.23
N GLY A 60 -15.20 -15.98 11.92
CA GLY A 60 -14.89 -17.22 11.23
C GLY A 60 -16.15 -17.99 10.92
N GLU A 61 -17.29 -17.50 11.41
CA GLU A 61 -18.56 -18.20 11.35
C GLU A 61 -19.42 -17.90 10.13
N ALA A 62 -19.77 -16.63 9.95
CA ALA A 62 -20.78 -16.27 8.95
C ALA A 62 -20.23 -15.35 7.86
N HIS A 63 -20.84 -15.42 6.68
CA HIS A 63 -20.61 -14.38 5.66
C HIS A 63 -21.61 -13.27 5.84
N VAL A 64 -21.15 -12.02 5.83
CA VAL A 64 -22.07 -10.89 5.96
C VAL A 64 -22.03 -10.04 4.70
N ILE A 65 -23.21 -9.76 4.14
CA ILE A 65 -23.29 -8.97 2.91
C ILE A 65 -24.26 -7.81 3.09
N ARG A 66 -23.76 -6.59 2.93
CA ARG A 66 -24.58 -5.40 3.19
C ARG A 66 -24.52 -4.38 2.05
N ASN A 67 -25.67 -3.86 1.66
CA ASN A 67 -25.73 -2.78 0.70
C ASN A 67 -26.76 -1.74 1.13
N ALA A 68 -26.91 -0.68 0.35
CA ALA A 68 -28.00 0.25 0.60
C ALA A 68 -29.36 -0.44 0.49
N GLY A 69 -30.09 -0.48 1.61
CA GLY A 69 -31.46 -0.98 1.64
C GLY A 69 -31.63 -2.48 1.81
N CYS A 70 -30.52 -3.21 1.89
CA CYS A 70 -30.53 -4.67 2.02
CA CYS A 70 -30.54 -4.66 2.02
C CYS A 70 -31.17 -5.29 0.77
N VAL A 71 -31.09 -4.57 -0.35
CA VAL A 71 -31.64 -5.05 -1.61
C VAL A 71 -30.83 -6.19 -2.21
N VAL A 72 -31.50 -7.31 -2.51
CA VAL A 72 -30.89 -8.43 -3.22
C VAL A 72 -30.60 -8.04 -4.67
N THR A 73 -29.37 -7.59 -4.90
CA THR A 73 -28.94 -7.08 -6.19
C THR A 73 -28.28 -8.19 -6.97
N ASP A 74 -27.77 -7.88 -8.15
CA ASP A 74 -27.03 -8.88 -8.88
C ASP A 74 -25.68 -9.14 -8.22
N ASP A 75 -25.24 -8.23 -7.34
CA ASP A 75 -24.02 -8.39 -6.58
C ASP A 75 -24.26 -9.31 -5.40
N VAL A 76 -25.47 -9.20 -4.84
CA VAL A 76 -25.91 -10.07 -3.75
C VAL A 76 -26.07 -11.52 -4.24
N ILE A 77 -26.70 -11.73 -5.39
CA ILE A 77 -26.75 -13.08 -5.94
C ILE A 77 -25.34 -13.60 -6.20
N ARG A 78 -24.54 -12.79 -6.90
CA ARG A 78 -23.12 -13.10 -7.15
C ARG A 78 -22.40 -13.50 -5.86
N SER A 79 -22.54 -12.67 -4.85
CA SER A 79 -21.89 -12.97 -3.59
C SER A 79 -22.42 -14.27 -3.05
N LEU A 80 -23.74 -14.38 -2.96
CA LEU A 80 -24.34 -15.57 -2.40
C LEU A 80 -23.92 -16.83 -3.15
N ALA A 81 -24.05 -16.82 -4.48
CA ALA A 81 -23.67 -17.95 -5.31
C ALA A 81 -22.25 -18.41 -4.99
N ILE A 82 -21.31 -17.46 -4.94
CA ILE A 82 -19.94 -17.76 -4.51
C ILE A 82 -19.94 -18.36 -3.11
N SER A 83 -20.72 -17.79 -2.21
CA SER A 83 -20.74 -18.22 -0.81
C SER A 83 -21.08 -19.71 -0.66
N GLN A 84 -22.14 -20.16 -1.33
CA GLN A 84 -22.54 -21.56 -1.24
C GLN A 84 -21.61 -22.46 -2.03
N ARG A 85 -21.35 -22.08 -3.27
CA ARG A 85 -20.66 -22.97 -4.21
C ARG A 85 -19.17 -23.12 -3.97
N LEU A 86 -18.57 -22.24 -3.18
CA LEU A 86 -17.12 -22.24 -2.96
C LEU A 86 -16.75 -22.27 -1.50
N LEU A 87 -17.65 -21.83 -0.63
CA LEU A 87 -17.35 -21.78 0.80
C LEU A 87 -18.45 -22.45 1.60
N GLY A 88 -19.26 -23.21 0.87
CA GLY A 88 -20.19 -24.15 1.46
C GLY A 88 -21.10 -23.61 2.53
N THR A 89 -21.69 -22.46 2.28
CA THR A 89 -22.80 -22.00 3.10
C THR A 89 -24.07 -22.67 2.62
N ARG A 90 -24.99 -22.89 3.55
CA ARG A 90 -26.26 -23.54 3.25
C ARG A 90 -27.43 -22.84 3.95
N GLU A 91 -27.18 -21.83 4.77
CA GLU A 91 -28.30 -21.02 5.27
C GLU A 91 -28.22 -19.55 4.81
N ILE A 92 -29.37 -18.89 4.85
CA ILE A 92 -29.48 -17.48 4.48
C ILE A 92 -30.42 -16.76 5.43
N ILE A 93 -29.98 -15.60 5.88
CA ILE A 93 -30.78 -14.69 6.67
C ILE A 93 -30.88 -13.35 5.96
N LEU A 94 -32.09 -12.97 5.58
CA LEU A 94 -32.30 -11.64 5.05
C LEU A 94 -32.67 -10.68 6.18
N LEU A 95 -32.20 -9.43 6.10
CA LEU A 95 -32.46 -8.47 7.18
C LEU A 95 -32.74 -7.04 6.71
N HIS A 96 -33.97 -6.71 6.33
CA HIS A 96 -34.36 -5.31 6.17
C HIS A 96 -34.49 -4.67 7.53
N HIS A 97 -34.94 -3.42 7.59
CA HIS A 97 -35.18 -2.80 8.89
C HIS A 97 -36.14 -1.61 8.84
N THR A 98 -36.51 -1.11 10.02
CA THR A 98 -37.51 -0.05 10.17
C THR A 98 -36.87 1.32 10.17
N ASP A 99 -37.64 2.33 9.75
CA ASP A 99 -37.06 3.64 9.46
C ASP A 99 -35.85 3.46 8.53
N CYS A 100 -35.95 2.56 7.57
CA CYS A 100 -34.86 2.38 6.63
C CYS A 100 -34.79 3.56 5.67
N GLY A 101 -33.60 3.80 5.12
CA GLY A 101 -33.39 4.91 4.24
C GLY A 101 -33.72 4.61 2.79
N MET A 102 -34.83 3.92 2.56
CA MET A 102 -35.28 3.67 1.19
C MET A 102 -36.76 4.01 1.05
N LEU A 103 -37.43 4.22 2.18
CA LEU A 103 -38.83 4.65 2.16
C LEU A 103 -38.97 6.17 2.18
N THR A 104 -37.89 6.87 1.84
CA THR A 104 -37.88 8.35 1.86
C THR A 104 -37.67 8.98 0.47
N PHE A 105 -37.16 8.20 -0.49
CA PHE A 105 -36.91 8.67 -1.85
C PHE A 105 -37.40 7.69 -2.90
N THR A 106 -37.81 8.19 -4.06
CA THR A 106 -38.12 7.33 -5.18
C THR A 106 -36.99 7.34 -6.20
N ASP A 107 -36.93 6.28 -7.00
CA ASP A 107 -35.90 6.15 -8.01
C ASP A 107 -35.90 7.32 -9.01
N ASP A 108 -37.09 7.71 -9.45
CA ASP A 108 -37.27 8.79 -10.42
C ASP A 108 -36.74 10.09 -9.84
N ASP A 109 -37.09 10.36 -8.59
CA ASP A 109 -36.59 11.52 -7.86
C ASP A 109 -35.07 11.50 -7.75
N PHE A 110 -34.54 10.35 -7.31
CA PHE A 110 -33.11 10.20 -7.05
C PHE A 110 -32.27 10.40 -8.29
N LYS A 111 -32.67 9.75 -9.38
CA LYS A 111 -31.90 9.82 -10.62
C LYS A 111 -31.99 11.20 -11.25
N ARG A 112 -33.14 11.86 -11.12
CA ARG A 112 -33.27 13.21 -11.66
C ARG A 112 -32.33 14.14 -10.91
N ALA A 113 -32.26 13.96 -9.60
CA ALA A 113 -31.29 14.69 -8.78
C ALA A 113 -29.89 14.62 -9.38
N ILE A 114 -29.33 13.42 -9.46
CA ILE A 114 -27.97 13.25 -9.97
C ILE A 114 -27.85 13.72 -11.42
N GLN A 115 -28.97 13.72 -12.14
CA GLN A 115 -28.93 14.13 -13.55
C GLN A 115 -28.65 15.63 -13.64
N ASP A 116 -29.28 16.39 -12.75
CA ASP A 116 -29.13 17.84 -12.74
C ASP A 116 -27.70 18.22 -12.48
N GLU A 117 -27.09 17.61 -11.46
CA GLU A 117 -25.69 17.90 -11.17
C GLU A 117 -24.76 17.37 -12.24
N THR A 118 -24.90 16.08 -12.56
CA THR A 118 -23.86 15.36 -13.28
C THR A 118 -24.02 15.40 -14.79
N GLY A 119 -25.23 15.65 -15.27
CA GLY A 119 -25.48 15.62 -16.70
C GLY A 119 -25.88 14.25 -17.22
N ILE A 120 -25.63 13.20 -16.43
CA ILE A 120 -26.07 11.88 -16.84
C ILE A 120 -26.86 11.12 -15.77
N ARG A 121 -27.65 10.14 -16.24
CA ARG A 121 -28.44 9.27 -15.37
C ARG A 121 -27.65 8.01 -15.09
N PRO A 122 -27.77 7.45 -13.87
CA PRO A 122 -27.05 6.20 -13.71
C PRO A 122 -27.74 5.06 -14.47
N THR A 123 -26.95 4.14 -15.02
CA THR A 123 -27.53 2.97 -15.68
C THR A 123 -28.23 2.13 -14.62
N TRP A 124 -27.60 1.99 -13.46
CA TRP A 124 -28.14 1.18 -12.38
C TRP A 124 -29.46 1.70 -11.83
N SER A 125 -30.10 0.89 -11.00
CA SER A 125 -31.38 1.25 -10.44
C SER A 125 -31.22 1.45 -8.94
N PRO A 126 -31.58 2.65 -8.44
CA PRO A 126 -31.51 3.00 -7.01
C PRO A 126 -32.10 1.93 -6.07
N GLU A 127 -33.07 1.16 -6.58
CA GLU A 127 -33.65 0.04 -5.87
C GLU A 127 -34.32 0.42 -4.56
N SER A 128 -34.89 1.61 -4.54
CA SER A 128 -35.69 2.02 -3.40
C SER A 128 -36.96 1.19 -3.33
N TYR A 129 -37.56 1.16 -2.15
CA TYR A 129 -38.85 0.53 -1.92
C TYR A 129 -39.58 1.31 -0.83
N PRO A 130 -40.92 1.26 -0.83
CA PRO A 130 -41.62 1.93 0.27
C PRO A 130 -41.68 1.08 1.55
N ASP A 131 -42.59 0.11 1.63
CA ASP A 131 -42.68 -0.68 2.85
C ASP A 131 -41.52 -1.69 2.96
N ALA A 132 -40.87 -1.68 4.13
CA ALA A 132 -39.78 -2.60 4.40
C ALA A 132 -40.26 -4.06 4.47
N VAL A 133 -41.38 -4.29 5.15
CA VAL A 133 -41.88 -5.66 5.32
C VAL A 133 -42.21 -6.30 3.96
N GLU A 134 -42.85 -5.53 3.07
CA GLU A 134 -43.18 -6.02 1.74
C GLU A 134 -41.92 -6.41 0.98
N ASP A 135 -40.81 -5.77 1.31
CA ASP A 135 -39.61 -6.02 0.55
C ASP A 135 -38.77 -7.15 1.09
N VAL A 136 -38.97 -7.50 2.36
CA VAL A 136 -38.45 -8.75 2.85
C VAL A 136 -39.11 -9.87 2.07
N ARG A 137 -40.41 -9.74 1.89
CA ARG A 137 -41.13 -10.66 1.06
C ARG A 137 -40.56 -10.68 -0.34
N GLN A 138 -40.50 -9.51 -0.97
CA GLN A 138 -40.07 -9.38 -2.35
C GLN A 138 -38.64 -9.87 -2.49
N SER A 139 -37.80 -9.60 -1.50
CA SER A 139 -36.40 -10.01 -1.58
C SER A 139 -36.25 -11.51 -1.42
N LEU A 140 -37.11 -12.13 -0.61
CA LEU A 140 -37.08 -13.58 -0.48
C LEU A 140 -37.41 -14.19 -1.82
N ARG A 141 -38.47 -13.68 -2.46
CA ARG A 141 -38.90 -14.16 -3.76
C ARG A 141 -37.77 -14.06 -4.75
N ARG A 142 -37.10 -12.90 -4.75
CA ARG A 142 -35.94 -12.63 -5.62
C ARG A 142 -34.88 -13.71 -5.54
N ILE A 143 -34.76 -14.35 -4.39
CA ILE A 143 -33.84 -15.47 -4.22
C ILE A 143 -34.47 -16.82 -4.60
N GLU A 144 -35.76 -17.01 -4.29
CA GLU A 144 -36.48 -18.22 -4.70
C GLU A 144 -36.29 -18.51 -6.18
N VAL A 145 -36.82 -17.61 -7.00
CA VAL A 145 -36.75 -17.76 -8.44
C VAL A 145 -35.32 -17.85 -8.96
N ASN A 146 -34.37 -17.15 -8.33
CA ASN A 146 -33.01 -17.13 -8.85
C ASN A 146 -32.37 -18.51 -8.92
N PRO A 147 -31.87 -18.87 -10.10
CA PRO A 147 -31.33 -20.19 -10.45
C PRO A 147 -29.90 -20.51 -9.99
N PHE A 148 -29.23 -19.61 -9.29
CA PHE A 148 -27.84 -19.84 -8.93
C PHE A 148 -27.64 -19.92 -7.41
N VAL A 149 -28.56 -19.31 -6.67
CA VAL A 149 -28.58 -19.47 -5.23
C VAL A 149 -29.62 -20.53 -4.91
N THR A 150 -29.18 -21.78 -4.86
CA THR A 150 -30.08 -22.93 -4.77
C THR A 150 -29.66 -23.90 -3.68
N LYS A 151 -28.44 -23.76 -3.20
CA LYS A 151 -27.85 -24.76 -2.32
C LYS A 151 -28.23 -24.61 -0.84
N HIS A 152 -29.31 -23.89 -0.57
CA HIS A 152 -29.61 -23.54 0.82
C HIS A 152 -30.82 -24.28 1.38
N THR A 153 -30.70 -24.70 2.64
CA THR A 153 -31.79 -25.44 3.28
C THR A 153 -32.66 -24.55 4.17
N SER A 154 -32.18 -23.35 4.48
CA SER A 154 -32.96 -22.36 5.22
C SER A 154 -32.84 -20.96 4.60
N LEU A 155 -33.98 -20.36 4.27
CA LEU A 155 -33.98 -18.98 3.82
C LEU A 155 -35.11 -18.22 4.50
N ARG A 156 -34.76 -17.44 5.50
CA ARG A 156 -35.76 -16.70 6.25
C ARG A 156 -35.27 -15.26 6.34
N GLY A 157 -36.21 -14.32 6.32
CA GLY A 157 -35.91 -12.91 6.30
C GLY A 157 -36.63 -12.19 7.41
N PHE A 158 -35.95 -11.22 8.01
CA PHE A 158 -36.46 -10.61 9.23
C PHE A 158 -36.49 -9.12 9.07
N VAL A 159 -37.09 -8.42 10.03
CA VAL A 159 -37.00 -6.96 10.13
C VAL A 159 -36.39 -6.49 11.46
N PHE A 160 -35.30 -5.73 11.35
CA PHE A 160 -34.62 -5.23 12.53
C PHE A 160 -35.28 -3.96 13.04
N ASP A 161 -35.65 -3.97 14.31
CA ASP A 161 -36.30 -2.82 14.92
C ASP A 161 -35.25 -1.90 15.52
N VAL A 162 -34.94 -0.82 14.82
CA VAL A 162 -33.85 0.08 15.19
C VAL A 162 -34.12 0.81 16.51
N ALA A 163 -35.32 0.62 17.04
CA ALA A 163 -35.72 1.22 18.30
C ALA A 163 -35.62 0.24 19.46
N THR A 164 -35.57 -1.05 19.16
CA THR A 164 -35.68 -2.07 20.19
C THR A 164 -34.65 -3.18 20.09
N GLY A 165 -34.01 -3.31 18.93
CA GLY A 165 -33.01 -4.32 18.70
C GLY A 165 -33.53 -5.71 18.32
N LYS A 166 -34.81 -5.79 18.00
CA LYS A 166 -35.46 -7.09 17.84
C LYS A 166 -35.65 -7.52 16.38
N LEU A 167 -35.61 -8.83 16.17
CA LEU A 167 -35.85 -9.42 14.87
C LEU A 167 -37.27 -10.04 14.75
N ASN A 168 -38.04 -9.47 13.83
CA ASN A 168 -39.38 -9.94 13.52
C ASN A 168 -39.43 -10.64 12.17
N GLU A 169 -39.55 -11.97 12.19
CA GLU A 169 -39.57 -12.74 10.96
C GLU A 169 -40.71 -12.28 10.10
N VAL A 170 -40.55 -12.44 8.79
CA VAL A 170 -41.65 -12.23 7.84
C VAL A 170 -41.97 -13.52 7.05
N THR A 171 -43.26 -13.77 6.83
CA THR A 171 -43.68 -14.90 5.98
C THR A 171 -43.73 -14.48 4.51
N PRO A 172 -43.08 -15.27 3.62
CA PRO A 172 -43.08 -15.01 2.18
C PRO A 172 -44.49 -14.95 1.58
N GLY B 10 -31.90 -26.18 16.70
CA GLY B 10 -32.11 -26.48 15.29
C GLY B 10 -31.00 -25.95 14.40
N THR B 11 -31.30 -24.93 13.62
CA THR B 11 -30.35 -24.37 12.66
C THR B 11 -29.54 -23.22 13.26
N VAL B 12 -28.56 -22.73 12.48
CA VAL B 12 -27.75 -21.56 12.87
C VAL B 12 -28.60 -20.30 12.88
N THR B 13 -29.50 -20.19 11.91
CA THR B 13 -30.46 -19.10 11.89
C THR B 13 -31.13 -19.07 13.25
N ASP B 14 -31.62 -20.24 13.67
CA ASP B 14 -32.30 -20.37 14.96
C ASP B 14 -31.45 -19.94 16.15
N ASP B 15 -30.24 -20.49 16.24
CA ASP B 15 -29.26 -20.11 17.26
C ASP B 15 -29.00 -18.60 17.27
N TYR B 16 -28.88 -18.02 16.09
CA TYR B 16 -28.61 -16.61 15.99
C TYR B 16 -29.75 -15.78 16.57
N LEU B 17 -30.97 -16.19 16.28
CA LEU B 17 -32.15 -15.50 16.80
C LEU B 17 -32.15 -15.47 18.32
N ALA B 18 -31.77 -16.59 18.91
CA ALA B 18 -31.63 -16.66 20.35
C ALA B 18 -30.71 -15.54 20.84
N ASN B 19 -29.52 -15.51 20.23
CA ASN B 19 -28.51 -14.50 20.50
C ASN B 19 -29.07 -13.10 20.36
N ASN B 20 -30.01 -12.93 19.43
CA ASN B 20 -30.63 -11.62 19.25
C ASN B 20 -31.46 -11.20 20.45
N VAL B 21 -31.94 -12.16 21.23
CA VAL B 21 -32.78 -11.81 22.37
C VAL B 21 -31.94 -11.07 23.41
N ASP B 22 -30.73 -11.58 23.62
CA ASP B 22 -29.85 -11.06 24.64
C ASP B 22 -29.21 -9.78 24.15
N TYR B 23 -29.24 -9.55 22.84
CA TYR B 23 -28.76 -8.29 22.31
C TYR B 23 -29.77 -7.20 22.60
N ALA B 24 -31.04 -7.51 22.34
CA ALA B 24 -32.13 -6.55 22.47
C ALA B 24 -32.45 -6.21 23.92
N SER B 25 -31.84 -6.93 24.86
CA SER B 25 -31.95 -6.57 26.26
C SER B 25 -31.23 -5.26 26.51
N GLY B 26 -29.95 -5.22 26.17
CA GLY B 26 -29.09 -4.08 26.48
C GLY B 26 -29.04 -3.00 25.41
N PHE B 27 -29.85 -3.17 24.38
CA PHE B 27 -29.88 -2.25 23.24
C PHE B 27 -30.47 -0.88 23.58
N LYS B 28 -29.72 0.18 23.26
CA LYS B 28 -30.21 1.54 23.44
C LYS B 28 -30.42 2.23 22.08
N GLY B 29 -31.66 2.60 21.79
CA GLY B 29 -32.03 3.21 20.52
C GLY B 29 -33.44 3.77 20.57
N PRO B 30 -33.93 4.34 19.45
CA PRO B 30 -33.27 4.38 18.16
C PRO B 30 -32.21 5.46 18.07
N LEU B 31 -31.37 5.38 17.04
CA LEU B 31 -30.45 6.47 16.73
C LEU B 31 -30.91 7.18 15.46
N PRO B 32 -30.37 8.38 15.22
CA PRO B 32 -30.60 9.09 13.96
C PRO B 32 -30.04 8.36 12.75
N MET B 33 -30.69 8.50 11.61
CA MET B 33 -30.27 7.78 10.41
C MET B 33 -28.82 8.05 9.96
N PRO B 34 -28.46 9.31 9.68
CA PRO B 34 -27.18 9.50 8.98
C PRO B 34 -26.01 9.15 9.85
N PRO B 35 -25.12 8.27 9.34
CA PRO B 35 -23.88 7.86 9.98
C PRO B 35 -23.22 9.02 10.72
N SER B 36 -23.10 8.88 12.03
CA SER B 36 -22.68 9.97 12.91
C SER B 36 -21.22 10.41 12.70
N LYS B 37 -20.39 9.52 12.16
CA LYS B 37 -19.00 9.87 11.85
C LYS B 37 -18.80 10.04 10.33
N HIS B 38 -19.91 10.08 9.60
CA HIS B 38 -19.93 10.45 8.19
C HIS B 38 -18.92 9.73 7.34
N ILE B 39 -18.78 8.43 7.58
CA ILE B 39 -17.86 7.63 6.80
C ILE B 39 -18.60 6.40 6.26
N ALA B 40 -18.06 5.81 5.21
CA ALA B 40 -18.57 4.55 4.69
C ALA B 40 -17.41 3.60 4.53
N ILE B 41 -17.69 2.31 4.68
CA ILE B 41 -16.67 1.29 4.46
C ILE B 41 -17.11 0.29 3.41
N VAL B 42 -16.24 0.04 2.44
CA VAL B 42 -16.50 -1.03 1.50
C VAL B 42 -15.63 -2.20 1.97
N ALA B 43 -16.26 -3.31 2.35
CA ALA B 43 -15.53 -4.46 2.90
C ALA B 43 -15.82 -5.75 2.16
N CYS B 44 -15.19 -6.85 2.58
CA CYS B 44 -15.53 -8.16 2.02
CA CYS B 44 -15.53 -8.17 2.04
C CYS B 44 -16.54 -8.88 2.92
N MET B 45 -17.13 -9.94 2.39
CA MET B 45 -18.12 -10.72 3.12
C MET B 45 -17.44 -11.78 3.98
N ASP B 46 -16.15 -12.02 3.71
CA ASP B 46 -15.30 -13.01 4.41
C ASP B 46 -15.58 -13.18 5.90
N ALA B 47 -15.70 -14.44 6.34
CA ALA B 47 -16.23 -14.72 7.67
C ALA B 47 -15.32 -14.22 8.79
N ARG B 48 -14.04 -14.13 8.46
CA ARG B 48 -12.99 -13.80 9.42
C ARG B 48 -12.79 -12.30 9.60
N LEU B 49 -13.67 -11.50 9.02
CA LEU B 49 -13.54 -10.06 9.13
C LEU B 49 -14.67 -9.45 9.92
N ASP B 50 -14.41 -9.11 11.18
CA ASP B 50 -15.39 -8.40 11.99
C ASP B 50 -15.13 -6.90 11.90
N VAL B 51 -15.62 -6.29 10.83
CA VAL B 51 -15.25 -4.92 10.45
C VAL B 51 -15.47 -3.88 11.57
N TYR B 52 -16.58 -3.99 12.28
CA TYR B 52 -16.86 -3.08 13.40
C TYR B 52 -15.75 -3.06 14.47
N ARG B 53 -15.36 -4.24 14.95
CA ARG B 53 -14.33 -4.35 15.99
C ARG B 53 -12.94 -4.08 15.39
N MET B 54 -12.86 -4.20 14.08
CA MET B 54 -11.59 -4.14 13.37
C MET B 54 -11.15 -2.70 13.21
N LEU B 55 -12.14 -1.81 13.15
CA LEU B 55 -11.89 -0.38 13.05
C LEU B 55 -12.45 0.40 14.23
N GLY B 56 -12.87 -0.31 15.27
CA GLY B 56 -13.36 0.31 16.49
C GLY B 56 -14.67 1.05 16.34
N ILE B 57 -15.47 0.58 15.39
CA ILE B 57 -16.71 1.26 15.03
C ILE B 57 -17.72 1.16 16.19
N LYS B 58 -18.61 2.13 16.30
CA LYS B 58 -19.72 2.07 17.26
C LYS B 58 -21.04 2.36 16.56
N GLU B 59 -22.13 1.81 17.09
CA GLU B 59 -23.42 1.86 16.42
C GLU B 59 -23.81 3.31 16.11
N GLY B 60 -24.11 3.57 14.84
CA GLY B 60 -24.54 4.90 14.47
C GLY B 60 -23.44 5.68 13.79
N GLU B 61 -22.21 5.19 13.85
CA GLU B 61 -21.08 5.91 13.26
C GLU B 61 -20.94 5.68 11.74
N ALA B 62 -20.78 4.43 11.30
CA ALA B 62 -20.32 4.18 9.93
C ALA B 62 -21.20 3.28 9.08
N HIS B 63 -21.38 3.66 7.81
CA HIS B 63 -21.97 2.72 6.84
C HIS B 63 -20.97 1.64 6.52
N VAL B 64 -21.42 0.38 6.61
CA VAL B 64 -20.58 -0.74 6.20
C VAL B 64 -21.18 -1.43 4.98
N ILE B 65 -20.40 -1.51 3.90
CA ILE B 65 -20.89 -2.16 2.69
C ILE B 65 -19.99 -3.34 2.40
N ARG B 66 -20.60 -4.50 2.17
CA ARG B 66 -19.84 -5.72 1.98
C ARG B 66 -20.38 -6.53 0.81
N ASN B 67 -19.52 -7.35 0.22
CA ASN B 67 -19.93 -8.31 -0.79
C ASN B 67 -18.85 -9.37 -0.95
N ALA B 68 -18.97 -10.22 -1.95
CA ALA B 68 -17.87 -11.16 -2.24
C ALA B 68 -16.64 -10.45 -2.80
N GLY B 69 -15.53 -10.55 -2.08
CA GLY B 69 -14.26 -10.04 -2.56
C GLY B 69 -14.06 -8.53 -2.61
N CYS B 70 -14.93 -7.79 -1.91
CA CYS B 70 -14.86 -6.32 -1.83
CA CYS B 70 -14.82 -6.34 -1.82
C CYS B 70 -14.72 -5.68 -3.21
N VAL B 71 -15.68 -5.94 -4.07
CA VAL B 71 -15.61 -5.46 -5.44
C VAL B 71 -16.46 -4.22 -5.57
N VAL B 72 -15.98 -3.22 -6.31
CA VAL B 72 -16.76 -2.01 -6.50
C VAL B 72 -17.68 -2.16 -7.71
N THR B 73 -18.63 -3.05 -7.53
CA THR B 73 -19.71 -3.29 -8.46
C THR B 73 -20.65 -2.09 -8.53
N ASP B 74 -21.65 -2.15 -9.41
CA ASP B 74 -22.63 -1.10 -9.47
C ASP B 74 -23.43 -0.98 -8.19
N ASP B 75 -23.53 -2.08 -7.43
CA ASP B 75 -24.22 -2.08 -6.14
C ASP B 75 -23.48 -1.18 -5.14
N VAL B 76 -22.16 -1.37 -5.07
CA VAL B 76 -21.32 -0.55 -4.23
C VAL B 76 -21.35 0.92 -4.63
N ILE B 77 -21.41 1.21 -5.93
CA ILE B 77 -21.48 2.62 -6.32
C ILE B 77 -22.82 3.18 -5.92
N ARG B 78 -23.87 2.41 -6.20
CA ARG B 78 -25.24 2.74 -5.84
C ARG B 78 -25.37 3.01 -4.34
N SER B 79 -24.75 2.15 -3.56
CA SER B 79 -24.79 2.30 -2.12
C SER B 79 -23.95 3.51 -1.67
N LEU B 80 -22.78 3.67 -2.28
CA LEU B 80 -21.94 4.85 -2.01
C LEU B 80 -22.59 6.17 -2.44
N ALA B 81 -23.15 6.22 -3.64
CA ALA B 81 -23.85 7.41 -4.06
C ALA B 81 -25.02 7.70 -3.11
N ILE B 82 -25.71 6.67 -2.66
CA ILE B 82 -26.80 6.93 -1.73
C ILE B 82 -26.20 7.40 -0.41
N SER B 83 -25.26 6.63 0.12
CA SER B 83 -24.63 6.97 1.40
C SER B 83 -24.19 8.46 1.49
N GLN B 84 -23.56 8.96 0.42
CA GLN B 84 -23.06 10.34 0.34
C GLN B 84 -24.16 11.34 0.02
N ARG B 85 -24.88 11.14 -1.08
CA ARG B 85 -25.92 12.07 -1.47
C ARG B 85 -27.08 12.13 -0.47
N LEU B 86 -27.44 11.00 0.13
CA LEU B 86 -28.59 11.00 1.02
C LEU B 86 -28.24 11.17 2.48
N LEU B 87 -27.15 10.55 2.93
CA LEU B 87 -26.82 10.55 4.34
C LEU B 87 -25.47 11.20 4.65
N GLY B 88 -24.90 11.89 3.66
CA GLY B 88 -23.75 12.75 3.87
C GLY B 88 -22.45 12.14 4.36
N THR B 89 -22.08 10.97 3.86
CA THR B 89 -20.80 10.39 4.24
C THR B 89 -19.74 11.09 3.38
N ARG B 90 -18.54 11.28 3.92
CA ARG B 90 -17.50 12.06 3.22
C ARG B 90 -16.12 11.43 3.23
N GLU B 91 -15.98 10.29 3.88
CA GLU B 91 -14.76 9.47 3.76
C GLU B 91 -15.10 8.05 3.29
N ILE B 92 -14.20 7.44 2.54
CA ILE B 92 -14.40 6.05 2.10
C ILE B 92 -13.18 5.21 2.47
N ILE B 93 -13.42 4.07 3.13
CA ILE B 93 -12.37 3.08 3.35
C ILE B 93 -12.64 1.86 2.50
N LEU B 94 -11.66 1.49 1.69
CA LEU B 94 -11.74 0.30 0.87
C LEU B 94 -10.98 -0.74 1.62
N LEU B 95 -11.40 -2.00 1.52
CA LEU B 95 -10.87 -2.99 2.45
C LEU B 95 -10.85 -4.43 1.92
N HIS B 96 -9.92 -4.73 1.02
CA HIS B 96 -9.61 -6.10 0.58
C HIS B 96 -8.94 -6.91 1.68
N HIS B 97 -8.51 -8.13 1.39
CA HIS B 97 -7.78 -8.90 2.42
C HIS B 97 -6.94 -10.04 1.86
N THR B 98 -6.03 -10.55 2.69
CA THR B 98 -5.11 -11.60 2.30
C THR B 98 -5.82 -12.94 2.32
N ASP B 99 -5.49 -13.80 1.35
CA ASP B 99 -6.14 -15.09 1.21
C ASP B 99 -7.64 -14.90 1.09
N CYS B 100 -8.07 -14.28 0.00
CA CYS B 100 -9.49 -14.12 -0.26
C CYS B 100 -9.95 -15.24 -1.21
N GLY B 101 -11.22 -15.62 -1.10
CA GLY B 101 -11.80 -16.63 -1.96
C GLY B 101 -11.70 -16.25 -3.42
N MET B 102 -11.73 -14.95 -3.70
CA MET B 102 -11.64 -14.41 -5.06
C MET B 102 -10.34 -14.75 -5.76
N LEU B 103 -9.34 -15.13 -4.99
CA LEU B 103 -8.03 -15.43 -5.51
C LEU B 103 -7.98 -16.84 -6.14
N THR B 104 -8.79 -17.76 -5.63
CA THR B 104 -8.72 -19.17 -6.04
C THR B 104 -9.73 -19.61 -7.12
N PHE B 105 -10.01 -18.73 -8.09
CA PHE B 105 -10.76 -19.07 -9.30
C PHE B 105 -10.72 -17.94 -10.33
N THR B 106 -10.97 -18.27 -11.60
CA THR B 106 -11.15 -17.25 -12.63
C THR B 106 -12.62 -17.17 -13.00
N ASP B 107 -13.00 -16.14 -13.73
CA ASP B 107 -14.41 -15.92 -14.00
C ASP B 107 -14.99 -16.93 -14.98
N ASP B 108 -14.23 -17.27 -16.00
CA ASP B 108 -14.73 -18.16 -17.06
C ASP B 108 -15.04 -19.55 -16.55
N ASP B 109 -14.13 -20.07 -15.72
CA ASP B 109 -14.32 -21.37 -15.09
C ASP B 109 -15.58 -21.39 -14.25
N PHE B 110 -15.77 -20.35 -13.44
CA PHE B 110 -16.88 -20.28 -12.51
C PHE B 110 -18.22 -20.25 -13.20
N LYS B 111 -18.32 -19.44 -14.24
CA LYS B 111 -19.55 -19.37 -15.01
C LYS B 111 -19.83 -20.69 -15.70
N ARG B 112 -18.76 -21.40 -16.06
CA ARG B 112 -18.87 -22.70 -16.74
C ARG B 112 -19.44 -23.75 -15.80
N ALA B 113 -18.79 -23.91 -14.66
CA ALA B 113 -19.26 -24.78 -13.58
C ALA B 113 -20.74 -24.56 -13.30
N ILE B 114 -21.14 -23.31 -13.31
CA ILE B 114 -22.52 -22.96 -13.06
C ILE B 114 -23.40 -23.49 -14.20
N GLN B 115 -22.96 -23.27 -15.44
CA GLN B 115 -23.70 -23.73 -16.61
C GLN B 115 -23.86 -25.25 -16.63
N ASP B 116 -22.75 -25.98 -16.46
CA ASP B 116 -22.79 -27.43 -16.45
C ASP B 116 -23.73 -27.93 -15.36
N GLU B 117 -23.85 -27.13 -14.31
CA GLU B 117 -24.75 -27.49 -13.23
C GLU B 117 -26.19 -27.08 -13.50
N THR B 118 -26.41 -25.94 -14.16
CA THR B 118 -27.76 -25.33 -14.21
C THR B 118 -28.38 -25.25 -15.60
N GLY B 119 -27.51 -25.16 -16.60
CA GLY B 119 -27.93 -24.94 -17.97
C GLY B 119 -27.85 -23.48 -18.35
N ILE B 120 -27.51 -22.64 -17.38
CA ILE B 120 -27.47 -21.21 -17.59
C ILE B 120 -26.10 -20.64 -17.22
N ARG B 121 -25.61 -19.70 -18.03
CA ARG B 121 -24.48 -18.88 -17.64
C ARG B 121 -25.06 -17.67 -16.94
N PRO B 122 -24.53 -17.30 -15.76
CA PRO B 122 -25.09 -16.12 -15.08
C PRO B 122 -24.88 -14.86 -15.92
N THR B 123 -25.64 -13.78 -15.74
CA THR B 123 -25.38 -12.57 -16.53
C THR B 123 -24.22 -11.72 -15.97
N TRP B 124 -23.99 -11.80 -14.66
CA TRP B 124 -22.99 -10.95 -14.00
C TRP B 124 -21.55 -11.42 -14.13
N SER B 125 -20.60 -10.50 -14.05
CA SER B 125 -19.21 -10.89 -13.99
C SER B 125 -18.87 -11.31 -12.56
N PRO B 126 -18.42 -12.56 -12.37
CA PRO B 126 -18.08 -13.05 -11.03
C PRO B 126 -17.10 -12.14 -10.32
N GLU B 127 -16.26 -11.48 -11.10
CA GLU B 127 -15.36 -10.45 -10.58
C GLU B 127 -14.26 -10.98 -9.67
N SER B 128 -13.65 -12.09 -10.05
CA SER B 128 -12.46 -12.51 -9.35
C SER B 128 -11.30 -11.55 -9.67
N TYR B 129 -10.20 -11.73 -8.95
CA TYR B 129 -8.97 -11.00 -9.18
C TYR B 129 -7.80 -11.84 -8.66
N PRO B 130 -6.60 -11.64 -9.22
CA PRO B 130 -5.50 -12.52 -8.80
C PRO B 130 -4.56 -11.88 -7.80
N ASP B 131 -4.55 -10.56 -7.71
CA ASP B 131 -3.70 -9.87 -6.76
C ASP B 131 -4.56 -8.97 -5.89
N ALA B 132 -4.58 -9.25 -4.58
CA ALA B 132 -5.38 -8.46 -3.66
C ALA B 132 -4.86 -6.99 -3.59
N VAL B 133 -3.59 -6.83 -3.24
CA VAL B 133 -2.95 -5.51 -3.18
C VAL B 133 -3.16 -4.68 -4.46
N GLU B 134 -3.04 -5.32 -5.61
CA GLU B 134 -3.24 -4.62 -6.87
C GLU B 134 -4.70 -4.21 -7.01
N ASP B 135 -5.61 -5.15 -6.85
CA ASP B 135 -7.00 -4.82 -7.09
C ASP B 135 -7.60 -3.79 -6.12
N VAL B 136 -6.89 -3.49 -5.02
CA VAL B 136 -7.23 -2.36 -4.16
C VAL B 136 -7.04 -1.07 -4.97
N ARG B 137 -5.94 -1.01 -5.70
CA ARG B 137 -5.64 0.15 -6.53
C ARG B 137 -6.73 0.23 -7.59
N GLN B 138 -7.10 -0.93 -8.13
CA GLN B 138 -8.07 -0.97 -9.20
C GLN B 138 -9.43 -0.54 -8.69
N SER B 139 -9.76 -1.05 -7.51
CA SER B 139 -11.01 -0.68 -6.86
C SER B 139 -11.00 0.79 -6.51
N LEU B 140 -9.88 1.29 -6.00
CA LEU B 140 -9.76 2.72 -5.73
C LEU B 140 -9.95 3.52 -7.01
N ARG B 141 -9.35 3.01 -8.09
CA ARG B 141 -9.40 3.64 -9.38
C ARG B 141 -10.82 3.75 -9.91
N ARG B 142 -11.65 2.75 -9.63
CA ARG B 142 -13.05 2.74 -10.09
C ARG B 142 -13.88 3.84 -9.47
N ILE B 143 -13.74 3.98 -8.16
CA ILE B 143 -14.40 5.02 -7.38
C ILE B 143 -13.92 6.40 -7.81
N GLU B 144 -12.62 6.50 -8.07
CA GLU B 144 -12.04 7.76 -8.49
C GLU B 144 -12.75 8.27 -9.73
N VAL B 145 -12.79 7.44 -10.77
CA VAL B 145 -13.28 7.90 -12.07
C VAL B 145 -14.78 7.86 -12.19
N ASN B 146 -15.44 7.38 -11.15
CA ASN B 146 -16.89 7.27 -11.15
C ASN B 146 -17.57 8.60 -10.88
N PRO B 147 -18.53 8.98 -11.73
CA PRO B 147 -19.23 10.27 -11.68
C PRO B 147 -20.41 10.30 -10.70
N PHE B 148 -20.52 9.33 -9.81
CA PHE B 148 -21.62 9.34 -8.88
C PHE B 148 -21.09 9.29 -7.47
N VAL B 149 -19.80 9.01 -7.38
CA VAL B 149 -19.15 9.04 -6.08
C VAL B 149 -18.10 10.16 -6.08
N THR B 150 -18.54 11.35 -5.68
CA THR B 150 -17.73 12.55 -5.85
C THR B 150 -17.59 13.37 -4.56
N LYS B 151 -18.61 13.33 -3.70
CA LYS B 151 -18.66 14.19 -2.53
C LYS B 151 -17.63 13.87 -1.45
N HIS B 152 -16.85 12.81 -1.62
CA HIS B 152 -15.94 12.40 -0.56
C HIS B 152 -14.69 13.25 -0.57
N THR B 153 -14.13 13.47 0.62
CA THR B 153 -12.92 14.25 0.78
C THR B 153 -11.70 13.34 0.83
N SER B 154 -11.86 12.18 1.46
CA SER B 154 -10.81 11.17 1.58
C SER B 154 -11.18 9.82 0.95
N LEU B 155 -10.19 9.14 0.38
CA LEU B 155 -10.38 7.82 -0.20
C LEU B 155 -9.07 7.06 -0.07
N ARG B 156 -9.07 6.04 0.78
CA ARG B 156 -7.90 5.22 1.01
C ARG B 156 -8.28 3.76 1.02
N GLY B 157 -7.33 2.87 0.73
CA GLY B 157 -7.61 1.46 0.60
C GLY B 157 -6.63 0.60 1.37
N PHE B 158 -7.12 -0.43 2.02
CA PHE B 158 -6.25 -1.18 2.89
C PHE B 158 -6.37 -2.66 2.63
N VAL B 159 -5.37 -3.43 3.04
CA VAL B 159 -5.46 -4.89 2.99
C VAL B 159 -5.48 -5.50 4.39
N PHE B 160 -6.60 -6.09 4.78
CA PHE B 160 -6.70 -6.74 6.08
C PHE B 160 -5.95 -8.07 6.07
N ASP B 161 -5.07 -8.25 7.05
CA ASP B 161 -4.26 -9.46 7.16
C ASP B 161 -4.95 -10.48 8.06
N VAL B 162 -5.50 -11.53 7.45
CA VAL B 162 -6.26 -12.52 8.17
C VAL B 162 -5.48 -13.25 9.26
N ALA B 163 -4.16 -13.18 9.21
CA ALA B 163 -3.34 -13.91 10.16
C ALA B 163 -2.88 -13.04 11.31
N THR B 164 -2.98 -11.73 11.16
CA THR B 164 -2.50 -10.86 12.23
C THR B 164 -3.54 -9.83 12.69
N GLY B 165 -4.37 -9.37 11.76
CA GLY B 165 -5.44 -8.44 12.10
C GLY B 165 -5.05 -6.99 11.85
N LYS B 166 -3.90 -6.82 11.20
CA LYS B 166 -3.38 -5.50 10.90
C LYS B 166 -3.81 -5.08 9.50
N LEU B 167 -4.15 -3.82 9.33
CA LEU B 167 -4.43 -3.32 8.00
C LEU B 167 -3.12 -2.97 7.34
N ASN B 168 -3.11 -2.92 6.01
CA ASN B 168 -1.92 -2.51 5.29
C ASN B 168 -2.36 -1.58 4.18
N GLU B 169 -2.11 -0.29 4.34
CA GLU B 169 -2.63 0.69 3.39
C GLU B 169 -1.96 0.48 2.06
N VAL B 170 -2.76 0.55 1.01
CA VAL B 170 -2.29 0.40 -0.35
C VAL B 170 -2.42 1.75 -1.04
N THR B 171 -1.41 2.12 -1.83
CA THR B 171 -1.46 3.42 -2.46
C THR B 171 -1.53 3.30 -3.99
N PRO B 172 -2.30 4.20 -4.63
CA PRO B 172 -2.62 4.15 -6.06
C PRO B 172 -1.39 4.06 -6.95
N GLY C 10 36.87 22.24 -17.86
CA GLY C 10 37.02 22.51 -16.44
C GLY C 10 37.34 21.28 -15.56
N THR C 11 36.30 20.66 -15.01
CA THR C 11 36.46 19.41 -14.24
C THR C 11 35.39 18.38 -14.60
N VAL C 12 35.46 17.20 -13.97
CA VAL C 12 34.47 16.13 -14.20
C VAL C 12 33.05 16.60 -13.84
N THR C 13 32.90 17.31 -12.73
CA THR C 13 31.63 17.94 -12.38
C THR C 13 31.14 18.78 -13.57
N ASP C 14 32.06 19.53 -14.17
CA ASP C 14 31.73 20.41 -15.27
C ASP C 14 31.26 19.69 -16.55
N ASP C 15 31.82 18.53 -16.86
CA ASP C 15 31.39 17.77 -18.04
C ASP C 15 30.01 17.18 -17.84
N TYR C 16 29.80 16.66 -16.62
CA TYR C 16 28.55 16.05 -16.21
C TYR C 16 27.38 17.02 -16.28
N LEU C 17 27.68 18.29 -15.99
CA LEU C 17 26.71 19.36 -16.13
C LEU C 17 26.43 19.63 -17.59
N ALA C 18 27.50 19.71 -18.38
CA ALA C 18 27.37 19.89 -19.82
C ALA C 18 26.59 18.73 -20.38
N ASN C 19 26.92 17.53 -19.90
CA ASN C 19 26.11 16.36 -20.18
C ASN C 19 24.64 16.59 -19.82
N ASN C 20 24.36 17.21 -18.67
CA ASN C 20 22.96 17.42 -18.23
C ASN C 20 22.12 18.15 -19.26
N VAL C 21 22.76 18.99 -20.06
CA VAL C 21 22.02 19.82 -21.01
C VAL C 21 21.31 19.01 -22.09
N ASP C 22 22.02 18.08 -22.72
CA ASP C 22 21.43 17.23 -23.74
C ASP C 22 20.24 16.46 -23.16
N TYR C 23 20.28 16.24 -21.85
CA TYR C 23 19.24 15.50 -21.15
C TYR C 23 17.95 16.29 -21.09
N ALA C 24 18.01 17.46 -20.48
CA ALA C 24 16.84 18.29 -20.23
C ALA C 24 16.06 18.65 -21.49
N SER C 25 16.75 18.74 -22.64
CA SER C 25 16.10 19.14 -23.89
C SER C 25 15.13 18.07 -24.42
N GLY C 26 15.21 16.86 -23.84
CA GLY C 26 14.24 15.83 -24.15
C GLY C 26 13.73 15.14 -22.90
N PHE C 27 13.41 15.92 -21.87
CA PHE C 27 13.07 15.33 -20.58
C PHE C 27 11.57 15.26 -20.28
N LYS C 28 11.14 14.08 -19.85
CA LYS C 28 9.73 13.80 -19.60
C LYS C 28 9.32 14.14 -18.17
N GLY C 29 8.66 15.29 -17.96
CA GLY C 29 8.19 15.62 -16.63
C GLY C 29 7.39 16.88 -16.44
N PRO C 30 6.89 17.10 -15.21
CA PRO C 30 7.16 16.25 -14.05
C PRO C 30 6.27 15.02 -13.92
N LEU C 31 6.80 13.96 -13.33
CA LEU C 31 6.01 12.79 -12.95
C LEU C 31 5.50 12.87 -11.50
N PRO C 32 4.60 11.96 -11.10
CA PRO C 32 4.18 11.92 -9.69
C PRO C 32 5.29 11.46 -8.76
N MET C 33 5.18 11.84 -7.50
CA MET C 33 6.23 11.56 -6.52
C MET C 33 6.36 10.08 -6.14
N PRO C 34 5.23 9.39 -5.87
CA PRO C 34 5.41 7.99 -5.45
C PRO C 34 5.95 7.09 -6.55
N PRO C 35 6.87 6.20 -6.21
CA PRO C 35 7.37 5.19 -7.14
C PRO C 35 6.23 4.41 -7.81
N SER C 36 6.05 4.59 -9.11
CA SER C 36 4.93 4.03 -9.88
C SER C 36 4.82 2.53 -9.74
N LYS C 37 5.96 1.85 -9.63
CA LYS C 37 5.98 0.41 -9.42
C LYS C 37 6.00 0.06 -7.93
N HIS C 38 5.91 1.06 -7.07
CA HIS C 38 5.85 0.85 -5.62
C HIS C 38 6.94 -0.11 -5.13
N ILE C 39 8.19 0.17 -5.52
CA ILE C 39 9.34 -0.68 -5.18
C ILE C 39 10.57 0.14 -4.80
N ALA C 40 11.30 -0.35 -3.82
CA ALA C 40 12.54 0.30 -3.43
C ALA C 40 13.71 -0.61 -3.73
N ILE C 41 14.79 -0.04 -4.27
CA ILE C 41 16.02 -0.80 -4.45
C ILE C 41 17.09 -0.35 -3.49
N VAL C 42 17.81 -1.31 -2.92
CA VAL C 42 18.92 -0.99 -2.04
C VAL C 42 20.19 -1.62 -2.61
N ALA C 43 21.11 -0.78 -3.06
CA ALA C 43 22.32 -1.23 -3.76
C ALA C 43 23.57 -0.55 -3.25
N CYS C 44 24.73 -0.93 -3.80
CA CYS C 44 25.96 -0.23 -3.42
CA CYS C 44 25.99 -0.30 -3.47
C CYS C 44 26.26 0.94 -4.32
N MET C 45 27.13 1.82 -3.83
CA MET C 45 27.54 3.00 -4.57
C MET C 45 28.64 2.69 -5.60
N ASP C 46 28.96 1.41 -5.77
CA ASP C 46 30.04 0.95 -6.66
C ASP C 46 29.89 1.51 -8.05
N ALA C 47 31.01 1.95 -8.62
CA ALA C 47 30.94 2.69 -9.86
C ALA C 47 30.38 1.85 -11.00
N ARG C 48 30.45 0.54 -10.85
CA ARG C 48 30.06 -0.38 -11.92
C ARG C 48 28.58 -0.68 -12.00
N LEU C 49 27.81 -0.19 -11.03
CA LEU C 49 26.40 -0.53 -10.96
C LEU C 49 25.49 0.56 -11.52
N ASP C 50 25.16 0.44 -12.80
CA ASP C 50 24.12 1.28 -13.37
C ASP C 50 22.80 0.65 -12.97
N VAL C 51 22.45 0.80 -11.70
CA VAL C 51 21.35 0.09 -11.08
C VAL C 51 20.08 0.19 -11.92
N TYR C 52 19.83 1.37 -12.46
CA TYR C 52 18.59 1.64 -13.21
C TYR C 52 18.46 0.78 -14.46
N ARG C 53 19.57 0.58 -15.16
CA ARG C 53 19.54 -0.19 -16.39
C ARG C 53 19.86 -1.64 -16.11
N MET C 54 20.34 -1.88 -14.89
CA MET C 54 20.60 -3.22 -14.43
C MET C 54 19.30 -4.02 -14.30
N LEU C 55 18.18 -3.30 -14.14
CA LEU C 55 16.89 -3.94 -13.94
C LEU C 55 15.81 -3.42 -14.87
N GLY C 56 16.18 -2.70 -15.92
CA GLY C 56 15.19 -2.16 -16.84
C GLY C 56 14.22 -1.17 -16.21
N ILE C 57 14.72 -0.43 -15.22
CA ILE C 57 13.91 0.56 -14.50
C ILE C 57 13.67 1.77 -15.36
N LYS C 58 12.52 2.41 -15.19
CA LYS C 58 12.21 3.62 -15.94
C LYS C 58 12.07 4.80 -14.97
N GLU C 59 12.11 6.01 -15.49
CA GLU C 59 11.97 7.18 -14.62
C GLU C 59 10.61 7.14 -13.92
N GLY C 60 10.62 7.23 -12.59
CA GLY C 60 9.37 7.35 -11.87
C GLY C 60 8.77 6.03 -11.41
N GLU C 61 9.54 4.95 -11.54
CA GLU C 61 9.08 3.65 -11.09
C GLU C 61 9.61 3.26 -9.71
N ALA C 62 10.90 3.46 -9.49
CA ALA C 62 11.55 2.88 -8.31
C ALA C 62 12.37 3.86 -7.47
N HIS C 63 12.24 3.71 -6.16
CA HIS C 63 13.13 4.34 -5.22
C HIS C 63 14.42 3.57 -5.18
N VAL C 64 15.54 4.29 -5.30
CA VAL C 64 16.86 3.67 -5.30
C VAL C 64 17.82 4.24 -4.23
N ILE C 65 18.33 3.34 -3.39
CA ILE C 65 19.11 3.71 -2.20
C ILE C 65 20.49 3.07 -2.25
N ARG C 66 21.52 3.91 -2.28
CA ARG C 66 22.86 3.42 -2.43
C ARG C 66 23.78 3.93 -1.33
N ASN C 67 24.74 3.10 -0.94
CA ASN C 67 25.77 3.52 -0.03
C ASN C 67 27.01 2.67 -0.22
N ALA C 68 28.06 2.94 0.54
CA ALA C 68 29.27 2.14 0.46
C ALA C 68 28.98 0.74 0.99
N GLY C 69 29.00 -0.22 0.07
CA GLY C 69 28.94 -1.62 0.44
C GLY C 69 27.57 -2.24 0.49
N CYS C 70 26.58 -1.47 0.04
CA CYS C 70 25.20 -1.93 0.02
CA CYS C 70 25.20 -1.92 0.03
C CYS C 70 24.78 -2.32 1.45
N VAL C 71 25.40 -1.72 2.43
CA VAL C 71 25.09 -1.98 3.83
C VAL C 71 23.71 -1.43 4.25
N VAL C 72 23.01 -2.15 5.12
CA VAL C 72 21.74 -1.64 5.61
C VAL C 72 21.96 -0.87 6.91
N THR C 73 22.27 0.40 6.75
CA THR C 73 22.50 1.33 7.87
C THR C 73 21.18 1.87 8.37
N ASP C 74 21.21 2.55 9.51
CA ASP C 74 20.02 3.25 10.00
C ASP C 74 19.49 4.22 8.95
N ASP C 75 20.40 4.75 8.14
CA ASP C 75 20.03 5.67 7.07
C ASP C 75 19.19 4.92 6.04
N VAL C 76 19.69 3.78 5.60
CA VAL C 76 18.95 2.89 4.71
C VAL C 76 17.57 2.58 5.28
N ILE C 77 17.54 2.06 6.51
CA ILE C 77 16.28 1.86 7.23
C ILE C 77 15.41 3.12 7.15
N ARG C 78 15.88 4.22 7.75
CA ARG C 78 15.20 5.51 7.68
C ARG C 78 14.62 5.74 6.29
N SER C 79 15.49 5.64 5.28
CA SER C 79 15.09 5.83 3.89
C SER C 79 14.05 4.84 3.39
N LEU C 80 14.12 3.59 3.87
CA LEU C 80 13.10 2.61 3.52
C LEU C 80 11.79 2.97 4.19
N ALA C 81 11.87 3.40 5.44
CA ALA C 81 10.69 3.71 6.22
C ALA C 81 9.92 4.87 5.59
N ILE C 82 10.64 5.83 5.01
CA ILE C 82 9.99 6.91 4.30
C ILE C 82 9.46 6.39 2.96
N SER C 83 10.27 5.58 2.29
CA SER C 83 9.82 4.96 1.04
C SER C 83 8.47 4.25 1.18
N GLN C 84 8.38 3.38 2.17
CA GLN C 84 7.14 2.65 2.45
C GLN C 84 6.03 3.55 2.97
N ARG C 85 6.28 4.15 4.12
CA ARG C 85 5.21 4.76 4.88
C ARG C 85 4.62 6.03 4.25
N LEU C 86 5.33 6.65 3.32
CA LEU C 86 4.80 7.90 2.79
C LEU C 86 4.69 7.92 1.28
N LEU C 87 5.34 6.98 0.61
CA LEU C 87 5.26 6.93 -0.83
C LEU C 87 4.82 5.54 -1.32
N GLY C 88 4.52 4.66 -0.36
CA GLY C 88 3.85 3.41 -0.64
C GLY C 88 4.61 2.40 -1.47
N THR C 89 5.83 2.08 -1.07
CA THR C 89 6.52 0.98 -1.71
C THR C 89 6.17 -0.24 -0.90
N ARG C 90 6.24 -1.41 -1.51
CA ARG C 90 5.75 -2.63 -0.93
C ARG C 90 6.69 -3.77 -1.33
N GLU C 91 7.59 -3.49 -2.26
CA GLU C 91 8.65 -4.42 -2.58
C GLU C 91 10.00 -3.79 -2.21
N ILE C 92 10.99 -4.64 -1.94
CA ILE C 92 12.32 -4.20 -1.52
C ILE C 92 13.38 -5.12 -2.12
N ILE C 93 14.26 -4.59 -2.96
CA ILE C 93 15.35 -5.41 -3.50
C ILE C 93 16.72 -5.00 -2.94
N LEU C 94 17.41 -5.98 -2.35
CA LEU C 94 18.79 -5.83 -1.85
C LEU C 94 19.79 -6.20 -2.92
N LEU C 95 20.80 -5.36 -3.14
CA LEU C 95 21.73 -5.61 -4.25
C LEU C 95 23.19 -5.50 -3.89
N HIS C 96 23.76 -6.54 -3.30
CA HIS C 96 25.22 -6.60 -3.15
C HIS C 96 25.86 -6.92 -4.50
N HIS C 97 27.20 -6.99 -4.52
CA HIS C 97 27.92 -7.29 -5.75
C HIS C 97 29.23 -8.03 -5.46
N THR C 98 30.07 -8.20 -6.47
CA THR C 98 31.24 -9.08 -6.36
C THR C 98 32.56 -8.32 -6.49
N ASP C 99 33.64 -8.87 -5.92
CA ASP C 99 34.92 -8.18 -5.78
C ASP C 99 34.66 -6.75 -5.30
N CYS C 100 33.85 -6.64 -4.25
CA CYS C 100 33.46 -5.37 -3.70
C CYS C 100 34.65 -4.68 -3.04
N GLY C 101 34.55 -3.37 -2.86
CA GLY C 101 35.60 -2.60 -2.19
C GLY C 101 35.56 -2.79 -0.69
N MET C 102 34.43 -3.32 -0.20
CA MET C 102 34.24 -3.56 1.22
C MET C 102 34.82 -4.89 1.64
N LEU C 103 35.24 -5.67 0.65
CA LEU C 103 35.86 -6.96 0.92
C LEU C 103 37.37 -6.81 1.11
N THR C 104 37.90 -5.62 0.82
CA THR C 104 39.35 -5.40 0.72
C THR C 104 39.95 -4.56 1.86
N PHE C 105 39.27 -4.53 3.00
CA PHE C 105 39.74 -3.82 4.21
C PHE C 105 38.85 -4.12 5.41
N THR C 106 39.37 -3.89 6.62
CA THR C 106 38.59 -4.14 7.84
C THR C 106 38.35 -2.87 8.68
N ASP C 107 37.22 -2.84 9.41
CA ASP C 107 36.82 -1.68 10.21
C ASP C 107 37.94 -1.11 11.07
N ASP C 108 38.51 -1.94 11.93
CA ASP C 108 39.50 -1.49 12.90
C ASP C 108 40.77 -0.95 12.27
N ASP C 109 41.08 -1.43 11.06
CA ASP C 109 42.17 -0.88 10.25
C ASP C 109 41.90 0.52 9.73
N PHE C 110 40.78 0.64 9.03
CA PHE C 110 40.33 1.88 8.44
C PHE C 110 40.31 3.01 9.47
N LYS C 111 39.80 2.70 10.68
CA LYS C 111 39.67 3.68 11.76
C LYS C 111 41.04 4.18 12.27
N ARG C 112 41.99 3.27 12.46
CA ARG C 112 43.33 3.65 12.90
C ARG C 112 43.97 4.54 11.83
N ALA C 113 43.85 4.11 10.57
CA ALA C 113 44.36 4.88 9.43
C ALA C 113 43.89 6.33 9.43
N ILE C 114 42.64 6.54 9.82
CA ILE C 114 42.05 7.85 9.79
C ILE C 114 42.49 8.68 10.99
N GLN C 115 42.64 8.00 12.12
CA GLN C 115 43.08 8.62 13.35
C GLN C 115 44.49 9.15 13.13
N ASP C 116 45.29 8.36 12.44
CA ASP C 116 46.68 8.68 12.20
C ASP C 116 46.84 9.88 11.28
N GLU C 117 45.76 10.29 10.64
CA GLU C 117 45.82 11.39 9.70
C GLU C 117 45.06 12.64 10.19
N THR C 118 44.03 12.45 11.00
CA THR C 118 43.11 13.52 11.39
C THR C 118 43.11 13.87 12.89
N GLY C 119 43.66 12.97 13.70
CA GLY C 119 43.67 13.18 15.13
C GLY C 119 42.47 12.56 15.80
N ILE C 120 41.40 12.31 15.02
CA ILE C 120 40.15 11.75 15.54
C ILE C 120 39.79 10.42 14.90
N ARG C 121 39.00 9.64 15.65
CA ARG C 121 38.48 8.35 15.20
C ARG C 121 36.98 8.46 14.95
N PRO C 122 36.52 8.10 13.75
CA PRO C 122 35.11 8.28 13.36
C PRO C 122 34.14 7.59 14.31
N THR C 123 33.12 8.31 14.76
CA THR C 123 32.11 7.70 15.64
C THR C 123 31.38 6.56 14.95
N TRP C 124 31.13 6.71 13.65
CA TRP C 124 30.42 5.68 12.90
C TRP C 124 31.21 4.38 12.69
N SER C 125 30.48 3.34 12.28
CA SER C 125 31.09 2.09 11.86
C SER C 125 31.29 2.09 10.35
N PRO C 126 32.50 1.74 9.88
CA PRO C 126 32.72 1.62 8.44
C PRO C 126 31.84 0.54 7.76
N GLU C 127 31.41 -0.46 8.54
CA GLU C 127 30.56 -1.56 8.05
C GLU C 127 31.20 -2.43 6.99
N SER C 128 32.51 -2.61 7.05
CA SER C 128 33.15 -3.54 6.13
C SER C 128 32.66 -4.96 6.44
N TYR C 129 32.71 -5.82 5.42
CA TYR C 129 32.34 -7.23 5.56
C TYR C 129 33.18 -8.10 4.62
N PRO C 130 33.42 -9.37 4.99
CA PRO C 130 34.26 -10.22 4.12
C PRO C 130 33.50 -10.95 3.01
N ASP C 131 32.39 -11.61 3.30
CA ASP C 131 31.70 -12.36 2.26
C ASP C 131 30.43 -11.66 1.81
N ALA C 132 30.33 -11.41 0.51
CA ALA C 132 29.13 -10.79 -0.06
C ALA C 132 27.90 -11.62 0.29
N VAL C 133 27.85 -12.84 -0.24
CA VAL C 133 26.73 -13.75 -0.03
C VAL C 133 26.34 -13.87 1.44
N GLU C 134 27.35 -13.91 2.31
CA GLU C 134 27.11 -13.94 3.75
C GLU C 134 26.35 -12.68 4.12
N ASP C 135 26.94 -11.53 3.84
CA ASP C 135 26.36 -10.27 4.28
C ASP C 135 24.99 -9.96 3.66
N VAL C 136 24.68 -10.55 2.51
CA VAL C 136 23.37 -10.37 1.91
C VAL C 136 22.33 -10.96 2.82
N ARG C 137 22.64 -12.16 3.29
CA ARG C 137 21.84 -12.89 4.27
C ARG C 137 21.70 -12.03 5.52
N GLN C 138 22.84 -11.66 6.08
CA GLN C 138 22.89 -10.75 7.22
C GLN C 138 22.14 -9.44 6.97
N SER C 139 22.23 -8.92 5.74
CA SER C 139 21.54 -7.67 5.41
C SER C 139 20.04 -7.87 5.49
N LEU C 140 19.58 -9.04 5.04
CA LEU C 140 18.15 -9.35 5.01
C LEU C 140 17.60 -9.51 6.42
N ARG C 141 18.37 -10.17 7.27
CA ARG C 141 18.05 -10.25 8.68
C ARG C 141 17.77 -8.84 9.24
N ARG C 142 18.70 -7.90 9.08
CA ARG C 142 18.55 -6.55 9.64
C ARG C 142 17.18 -5.97 9.37
N ILE C 143 16.69 -6.14 8.15
CA ILE C 143 15.42 -5.56 7.74
C ILE C 143 14.24 -6.21 8.47
N GLU C 144 14.28 -7.54 8.56
CA GLU C 144 13.17 -8.30 9.15
C GLU C 144 12.95 -7.97 10.61
N VAL C 145 13.98 -8.17 11.43
CA VAL C 145 13.90 -7.89 12.86
C VAL C 145 13.70 -6.41 13.17
N ASN C 146 13.64 -5.60 12.11
CA ASN C 146 13.46 -4.16 12.27
C ASN C 146 12.01 -3.77 12.24
N PRO C 147 11.57 -3.08 13.28
CA PRO C 147 10.17 -2.71 13.55
C PRO C 147 9.68 -1.57 12.70
N PHE C 148 10.57 -0.93 11.95
CA PHE C 148 10.17 0.24 11.19
C PHE C 148 10.06 -0.05 9.70
N VAL C 149 10.63 -1.15 9.23
CA VAL C 149 10.47 -1.55 7.84
C VAL C 149 9.68 -2.85 7.81
N THR C 150 8.36 -2.73 7.65
CA THR C 150 7.42 -3.83 7.93
C THR C 150 6.17 -3.84 7.08
N LYS C 151 6.21 -3.23 5.91
CA LYS C 151 5.01 -3.14 5.08
C LYS C 151 5.22 -3.75 3.71
N HIS C 152 6.32 -4.46 3.55
CA HIS C 152 6.64 -5.07 2.26
C HIS C 152 6.03 -6.47 2.15
N THR C 153 5.53 -6.78 0.96
CA THR C 153 4.96 -8.09 0.70
C THR C 153 5.99 -8.96 -0.02
N SER C 154 7.20 -8.44 -0.18
CA SER C 154 8.26 -9.15 -0.88
C SER C 154 9.64 -8.53 -0.64
N LEU C 155 10.59 -9.35 -0.22
CA LEU C 155 11.94 -8.89 0.09
C LEU C 155 12.97 -9.95 -0.27
N ARG C 156 13.75 -9.68 -1.32
CA ARG C 156 14.76 -10.63 -1.77
C ARG C 156 16.13 -9.97 -1.96
N GLY C 157 17.18 -10.70 -1.63
CA GLY C 157 18.52 -10.21 -1.81
C GLY C 157 19.14 -10.79 -3.06
N PHE C 158 20.12 -10.09 -3.61
CA PHE C 158 20.88 -10.62 -4.75
C PHE C 158 22.35 -10.33 -4.63
N VAL C 159 23.11 -10.90 -5.54
CA VAL C 159 24.48 -10.48 -5.73
C VAL C 159 24.69 -10.23 -7.21
N PHE C 160 25.34 -9.13 -7.53
CA PHE C 160 25.50 -8.72 -8.91
C PHE C 160 26.88 -9.08 -9.42
N ASP C 161 26.94 -9.93 -10.44
CA ASP C 161 28.24 -10.30 -10.99
C ASP C 161 28.76 -9.16 -11.84
N VAL C 162 29.87 -8.57 -11.44
CA VAL C 162 30.50 -7.47 -12.19
C VAL C 162 31.00 -7.89 -13.55
N ALA C 163 31.28 -9.19 -13.70
CA ALA C 163 31.88 -9.71 -14.91
C ALA C 163 30.84 -10.11 -15.94
N THR C 164 29.65 -10.43 -15.49
CA THR C 164 28.62 -10.95 -16.38
C THR C 164 27.42 -10.04 -16.44
N GLY C 165 27.17 -9.33 -15.35
CA GLY C 165 26.10 -8.37 -15.30
C GLY C 165 24.81 -9.00 -14.86
N LYS C 166 24.90 -10.26 -14.41
CA LYS C 166 23.73 -10.99 -13.90
C LYS C 166 23.53 -10.73 -12.43
N LEU C 167 22.27 -10.76 -12.02
CA LEU C 167 21.94 -10.84 -10.62
C LEU C 167 21.73 -12.31 -10.21
N ASN C 168 22.30 -12.72 -9.09
CA ASN C 168 22.16 -14.10 -8.63
C ASN C 168 21.54 -14.16 -7.23
N GLU C 169 20.26 -14.54 -7.17
CA GLU C 169 19.50 -14.47 -5.93
C GLU C 169 20.14 -15.26 -4.81
N VAL C 170 20.19 -14.63 -3.63
CA VAL C 170 20.76 -15.24 -2.44
C VAL C 170 19.65 -15.77 -1.53
N THR C 171 19.79 -17.04 -1.15
CA THR C 171 18.84 -17.73 -0.28
C THR C 171 19.00 -17.27 1.16
N PRO C 172 17.92 -16.74 1.77
CA PRO C 172 18.00 -16.08 3.08
C PRO C 172 18.24 -17.06 4.22
N GLY D 10 3.38 -12.13 -11.56
CA GLY D 10 4.17 -12.05 -10.35
C GLY D 10 4.45 -10.63 -9.88
N THR D 11 5.49 -10.48 -9.07
CA THR D 11 5.81 -9.17 -8.50
C THR D 11 6.65 -8.31 -9.47
N VAL D 12 6.85 -7.04 -9.12
CA VAL D 12 7.70 -6.16 -9.92
C VAL D 12 9.15 -6.63 -9.86
N THR D 13 9.57 -7.04 -8.67
CA THR D 13 10.87 -7.66 -8.51
C THR D 13 11.03 -8.69 -9.63
N ASP D 14 10.00 -9.53 -9.81
CA ASP D 14 9.97 -10.50 -10.91
C ASP D 14 10.21 -9.88 -12.27
N ASP D 15 9.44 -8.85 -12.61
CA ASP D 15 9.64 -8.11 -13.86
C ASP D 15 11.09 -7.67 -14.01
N TYR D 16 11.62 -7.06 -12.96
CA TYR D 16 12.96 -6.48 -13.02
C TYR D 16 13.99 -7.56 -13.23
N LEU D 17 13.83 -8.70 -12.58
CA LEU D 17 14.75 -9.80 -12.82
C LEU D 17 14.71 -10.26 -14.29
N ALA D 18 13.52 -10.25 -14.86
CA ALA D 18 13.35 -10.56 -16.26
C ALA D 18 14.11 -9.55 -17.11
N ASN D 19 14.08 -8.30 -16.68
CA ASN D 19 14.80 -7.20 -17.33
C ASN D 19 16.33 -7.27 -17.19
N ASN D 20 16.79 -7.68 -16.01
CA ASN D 20 18.20 -7.93 -15.76
C ASN D 20 18.81 -8.80 -16.84
N VAL D 21 18.12 -9.90 -17.15
CA VAL D 21 18.62 -10.89 -18.08
C VAL D 21 18.91 -10.31 -19.45
N ASP D 22 18.06 -9.40 -19.90
CA ASP D 22 18.29 -8.73 -21.17
C ASP D 22 19.58 -7.91 -21.14
N TYR D 23 19.75 -7.15 -20.06
CA TYR D 23 20.89 -6.25 -19.87
C TYR D 23 22.22 -7.01 -19.96
N ALA D 24 22.18 -8.26 -19.50
CA ALA D 24 23.38 -9.06 -19.25
C ALA D 24 24.02 -9.71 -20.48
N SER D 25 23.22 -10.09 -21.47
CA SER D 25 23.79 -10.67 -22.69
C SER D 25 24.62 -9.61 -23.38
N GLY D 26 24.03 -8.42 -23.50
CA GLY D 26 24.71 -7.26 -24.02
C GLY D 26 25.44 -6.46 -22.95
N PHE D 27 26.02 -7.16 -21.99
CA PHE D 27 26.83 -6.53 -20.96
C PHE D 27 28.30 -6.79 -21.25
N LYS D 28 29.06 -5.70 -21.29
CA LYS D 28 30.51 -5.80 -21.31
C LYS D 28 31.00 -5.57 -19.89
N GLY D 29 31.99 -6.35 -19.48
CA GLY D 29 32.53 -6.23 -18.14
C GLY D 29 33.38 -7.45 -17.91
N PRO D 30 34.15 -7.47 -16.80
CA PRO D 30 34.12 -6.42 -15.78
C PRO D 30 34.93 -5.17 -16.13
N LEU D 31 34.60 -4.09 -15.42
CA LEU D 31 35.36 -2.85 -15.44
C LEU D 31 36.16 -2.74 -14.13
N PRO D 32 37.17 -1.86 -14.11
CA PRO D 32 37.93 -1.73 -12.87
C PRO D 32 37.15 -0.99 -11.77
N MET D 33 37.45 -1.37 -10.53
CA MET D 33 36.71 -0.91 -9.37
C MET D 33 36.79 0.59 -9.04
N PRO D 34 38.00 1.18 -9.13
CA PRO D 34 38.03 2.60 -8.78
C PRO D 34 37.30 3.44 -9.80
N PRO D 35 36.45 4.37 -9.35
CA PRO D 35 35.68 5.22 -10.26
C PRO D 35 36.59 5.98 -11.22
N SER D 36 36.46 5.71 -12.51
CA SER D 36 37.40 6.18 -13.51
C SER D 36 37.44 7.71 -13.72
N LYS D 37 36.42 8.43 -13.24
CA LYS D 37 36.42 9.89 -13.32
C LYS D 37 36.54 10.49 -11.94
N HIS D 38 36.91 9.64 -10.98
CA HIS D 38 37.32 10.03 -9.64
C HIS D 38 36.30 10.97 -8.98
N ILE D 39 35.04 10.57 -9.00
CA ILE D 39 33.96 11.40 -8.46
C ILE D 39 32.89 10.59 -7.73
N ALA D 40 32.25 11.23 -6.75
CA ALA D 40 31.13 10.66 -6.04
C ALA D 40 29.96 11.60 -6.16
N ILE D 41 28.81 11.06 -6.57
CA ILE D 41 27.57 11.84 -6.58
C ILE D 41 26.76 11.53 -5.34
N VAL D 42 26.08 12.53 -4.79
CA VAL D 42 25.25 12.30 -3.64
C VAL D 42 23.84 12.76 -3.94
N ALA D 43 22.97 11.80 -4.27
CA ALA D 43 21.64 12.13 -4.75
C ALA D 43 20.55 11.72 -3.76
N CYS D 44 19.31 11.84 -4.21
CA CYS D 44 18.14 11.42 -3.43
CA CYS D 44 18.18 11.41 -3.42
C CYS D 44 17.66 10.08 -3.92
N MET D 45 16.88 9.39 -3.10
CA MET D 45 16.30 8.12 -3.49
C MET D 45 15.10 8.30 -4.40
N ASP D 46 14.81 9.55 -4.77
CA ASP D 46 13.60 9.84 -5.51
C ASP D 46 13.51 9.01 -6.78
N ALA D 47 12.29 8.65 -7.17
CA ALA D 47 12.10 7.72 -8.26
C ALA D 47 12.13 8.43 -9.61
N ARG D 48 11.98 9.74 -9.60
CA ARG D 48 11.95 10.49 -10.84
C ARG D 48 13.38 10.90 -11.22
N LEU D 49 14.37 10.42 -10.48
CA LEU D 49 15.74 10.81 -10.76
C LEU D 49 16.56 9.69 -11.36
N ASP D 50 16.84 9.79 -12.65
CA ASP D 50 17.75 8.86 -13.29
C ASP D 50 19.11 9.48 -13.27
N VAL D 51 19.81 9.30 -12.16
CA VAL D 51 21.05 10.01 -11.94
C VAL D 51 22.08 9.70 -13.02
N TYR D 52 22.20 8.45 -13.45
CA TYR D 52 23.22 8.12 -14.44
C TYR D 52 22.98 8.86 -15.75
N ARG D 53 21.72 8.91 -16.18
CA ARG D 53 21.37 9.56 -17.43
C ARG D 53 21.39 11.11 -17.30
N MET D 54 20.92 11.60 -16.17
CA MET D 54 20.79 13.02 -15.92
C MET D 54 22.14 13.73 -15.96
N LEU D 55 23.18 12.98 -15.63
CA LEU D 55 24.51 13.57 -15.56
C LEU D 55 25.37 13.07 -16.69
N GLY D 56 24.82 12.18 -17.50
CA GLY D 56 25.57 11.62 -18.61
C GLY D 56 26.65 10.68 -18.13
N ILE D 57 26.40 10.06 -16.97
CA ILE D 57 27.37 9.16 -16.33
C ILE D 57 27.50 7.83 -17.06
N LYS D 58 28.72 7.39 -17.31
CA LYS D 58 28.92 6.07 -17.91
C LYS D 58 29.38 5.10 -16.84
N GLU D 59 29.28 3.80 -17.13
CA GLU D 59 29.62 2.76 -16.16
C GLU D 59 31.10 2.85 -15.81
N GLY D 60 31.41 2.73 -14.53
CA GLY D 60 32.79 2.65 -14.09
C GLY D 60 33.31 4.02 -13.76
N GLU D 61 32.58 5.03 -14.17
CA GLU D 61 33.02 6.40 -14.02
C GLU D 61 32.82 6.90 -12.59
N ALA D 62 31.59 6.80 -12.06
CA ALA D 62 31.29 7.52 -10.82
C ALA D 62 30.63 6.68 -9.71
N HIS D 63 30.87 7.10 -8.46
CA HIS D 63 30.14 6.56 -7.32
C HIS D 63 28.83 7.29 -7.20
N VAL D 64 27.79 6.56 -6.82
CA VAL D 64 26.49 7.18 -6.70
C VAL D 64 25.83 6.81 -5.36
N ILE D 65 25.48 7.82 -4.59
CA ILE D 65 25.07 7.62 -3.22
C ILE D 65 23.70 8.24 -3.10
N ARG D 66 22.68 7.46 -2.73
CA ARG D 66 21.35 8.05 -2.62
C ARG D 66 20.62 7.57 -1.40
N ASN D 67 19.98 8.51 -0.70
CA ASN D 67 19.05 8.19 0.38
C ASN D 67 17.78 9.03 0.29
N ALA D 68 16.89 8.88 1.26
CA ALA D 68 15.72 9.72 1.37
C ALA D 68 16.15 11.15 1.64
N GLY D 69 15.90 12.01 0.65
CA GLY D 69 16.06 13.45 0.80
C GLY D 69 17.45 14.01 0.57
N CYS D 70 18.37 13.17 0.09
CA CYS D 70 19.76 13.54 -0.16
CA CYS D 70 19.74 13.57 -0.18
C CYS D 70 20.41 14.13 1.07
N VAL D 71 20.27 13.43 2.19
CA VAL D 71 20.76 13.97 3.44
C VAL D 71 22.18 13.51 3.72
N VAL D 72 23.05 14.49 3.98
CA VAL D 72 24.42 14.18 4.33
C VAL D 72 24.41 13.63 5.76
N THR D 73 24.22 12.32 5.84
CA THR D 73 24.13 11.61 7.11
C THR D 73 25.46 10.95 7.41
N ASP D 74 25.58 10.32 8.58
CA ASP D 74 26.81 9.67 8.95
C ASP D 74 27.11 8.51 7.99
N ASP D 75 26.06 7.95 7.36
CA ASP D 75 26.26 6.88 6.38
C ASP D 75 26.81 7.47 5.09
N VAL D 76 26.30 8.64 4.69
CA VAL D 76 26.84 9.34 3.52
C VAL D 76 28.30 9.77 3.72
N ILE D 77 28.62 10.36 4.87
CA ILE D 77 30.00 10.64 5.22
C ILE D 77 30.86 9.37 5.16
N ARG D 78 30.38 8.30 5.80
CA ARG D 78 31.05 7.02 5.80
C ARG D 78 31.38 6.62 4.38
N SER D 79 30.37 6.68 3.52
CA SER D 79 30.51 6.25 2.14
C SER D 79 31.46 7.16 1.34
N LEU D 80 31.39 8.47 1.58
CA LEU D 80 32.26 9.45 0.94
C LEU D 80 33.69 9.32 1.41
N ALA D 81 33.88 8.92 2.66
CA ALA D 81 35.23 8.71 3.18
C ALA D 81 35.84 7.52 2.49
N ILE D 82 35.11 6.43 2.45
CA ILE D 82 35.55 5.24 1.75
C ILE D 82 35.72 5.56 0.26
N SER D 83 34.83 6.38 -0.27
CA SER D 83 34.90 6.82 -1.67
C SER D 83 36.23 7.49 -1.98
N GLN D 84 36.67 8.35 -1.07
CA GLN D 84 37.83 9.21 -1.27
C GLN D 84 39.15 8.57 -0.86
N ARG D 85 39.12 7.93 0.31
CA ARG D 85 40.32 7.38 0.90
C ARG D 85 40.71 6.04 0.31
N LEU D 86 39.73 5.29 -0.19
CA LEU D 86 40.01 3.94 -0.68
C LEU D 86 39.99 3.85 -2.19
N LEU D 87 38.96 4.39 -2.82
CA LEU D 87 38.83 4.20 -4.24
C LEU D 87 39.21 5.48 -4.96
N GLY D 88 39.66 6.45 -4.16
CA GLY D 88 40.30 7.65 -4.64
C GLY D 88 39.52 8.64 -5.46
N THR D 89 38.28 8.95 -5.10
CA THR D 89 37.60 10.04 -5.78
C THR D 89 38.16 11.35 -5.25
N ARG D 90 37.82 12.43 -5.95
CA ARG D 90 38.28 13.77 -5.58
C ARG D 90 37.20 14.79 -5.80
N GLU D 91 36.12 14.40 -6.44
CA GLU D 91 35.03 15.35 -6.62
C GLU D 91 33.75 14.87 -5.94
N ILE D 92 32.96 15.85 -5.53
CA ILE D 92 31.68 15.61 -4.87
C ILE D 92 30.60 16.48 -5.52
N ILE D 93 29.47 15.85 -5.87
CA ILE D 93 28.32 16.58 -6.42
C ILE D 93 27.05 16.34 -5.58
N LEU D 94 26.61 17.35 -4.84
CA LEU D 94 25.41 17.22 -4.02
C LEU D 94 24.17 17.50 -4.86
N LEU D 95 23.14 16.66 -4.72
CA LEU D 95 21.95 16.82 -5.55
C LEU D 95 20.66 16.82 -4.76
N HIS D 96 20.05 17.98 -4.59
CA HIS D 96 18.68 18.02 -4.10
C HIS D 96 17.71 18.19 -5.28
N HIS D 97 16.42 18.05 -5.04
CA HIS D 97 15.46 18.22 -6.12
C HIS D 97 14.22 18.98 -5.68
N THR D 98 13.47 19.47 -6.66
CA THR D 98 12.28 20.26 -6.38
C THR D 98 11.10 19.34 -6.11
N ASP D 99 10.12 19.84 -5.35
CA ASP D 99 8.99 19.00 -4.92
C ASP D 99 9.57 17.76 -4.26
N CYS D 100 10.39 17.96 -3.23
CA CYS D 100 11.04 16.82 -2.61
C CYS D 100 10.12 16.16 -1.62
N GLY D 101 10.45 14.91 -1.29
CA GLY D 101 9.64 14.11 -0.39
C GLY D 101 9.87 14.41 1.06
N MET D 102 10.82 15.30 1.35
CA MET D 102 11.18 15.62 2.73
C MET D 102 10.62 16.96 3.18
N LEU D 103 10.03 17.67 2.22
CA LEU D 103 9.41 18.95 2.50
C LEU D 103 7.98 18.73 3.01
N THR D 104 7.49 17.50 2.93
CA THR D 104 6.06 17.19 3.13
C THR D 104 5.72 16.55 4.49
N PHE D 105 6.66 16.60 5.45
CA PHE D 105 6.42 16.12 6.81
C PHE D 105 7.47 16.62 7.81
N THR D 106 7.09 16.88 9.05
CA THR D 106 8.09 17.21 10.05
C THR D 106 8.61 15.92 10.68
N ASP D 107 9.77 15.95 11.32
CA ASP D 107 10.32 14.73 11.90
C ASP D 107 9.44 14.21 13.03
N ASP D 108 9.06 15.10 13.94
CA ASP D 108 8.35 14.69 15.15
C ASP D 108 7.01 14.03 14.89
N ASP D 109 6.30 14.50 13.86
CA ASP D 109 5.05 13.88 13.45
C ASP D 109 5.28 12.44 13.04
N PHE D 110 6.08 12.29 12.00
CA PHE D 110 6.49 11.03 11.43
C PHE D 110 6.94 10.05 12.52
N LYS D 111 7.60 10.57 13.55
CA LYS D 111 8.04 9.72 14.62
C LYS D 111 6.85 9.32 15.49
N ARG D 112 5.98 10.28 15.80
CA ARG D 112 4.81 10.01 16.63
C ARG D 112 3.94 8.96 15.91
N ALA D 113 3.74 9.15 14.61
CA ALA D 113 3.02 8.19 13.78
C ALA D 113 3.58 6.79 13.95
N ILE D 114 4.82 6.61 13.53
CA ILE D 114 5.56 5.37 13.76
C ILE D 114 5.49 4.86 15.20
N GLN D 115 5.70 5.72 16.20
CA GLN D 115 5.61 5.26 17.58
C GLN D 115 4.20 4.77 17.91
N ASP D 116 3.20 5.57 17.57
CA ASP D 116 1.79 5.19 17.74
C ASP D 116 1.49 3.77 17.26
N GLU D 117 2.00 3.44 16.08
CA GLU D 117 1.68 2.20 15.37
C GLU D 117 2.51 1.00 15.83
N THR D 118 3.67 1.26 16.42
CA THR D 118 4.61 0.19 16.78
C THR D 118 4.93 0.14 18.27
N GLY D 119 4.63 1.23 18.98
CA GLY D 119 4.93 1.33 20.40
C GLY D 119 6.42 1.56 20.60
N ILE D 120 7.08 1.99 19.54
CA ILE D 120 8.51 2.23 19.54
C ILE D 120 8.83 3.48 18.73
N ARG D 121 9.53 4.43 19.34
CA ARG D 121 10.04 5.60 18.62
C ARG D 121 11.43 5.28 18.05
N PRO D 122 11.71 5.70 16.80
CA PRO D 122 13.02 5.33 16.24
C PRO D 122 14.21 6.06 16.89
N THR D 123 15.40 5.44 16.86
CA THR D 123 16.61 6.17 17.29
C THR D 123 16.96 7.20 16.22
N TRP D 124 17.10 6.75 14.98
CA TRP D 124 17.44 7.62 13.85
C TRP D 124 16.55 8.86 13.74
N SER D 125 17.09 9.91 13.13
CA SER D 125 16.36 11.15 12.89
C SER D 125 15.82 11.14 11.47
N PRO D 126 14.50 11.39 11.32
CA PRO D 126 13.90 11.43 10.00
C PRO D 126 14.60 12.42 9.08
N GLU D 127 15.28 13.41 9.65
CA GLU D 127 16.15 14.29 8.86
C GLU D 127 15.43 15.05 7.74
N SER D 128 14.13 15.21 7.88
CA SER D 128 13.39 16.00 6.92
C SER D 128 13.83 17.44 7.02
N TYR D 129 13.57 18.23 5.98
CA TYR D 129 13.89 19.65 5.94
C TYR D 129 12.84 20.37 5.10
N PRO D 130 12.60 21.65 5.39
CA PRO D 130 11.59 22.45 4.72
C PRO D 130 11.98 23.05 3.36
N ASP D 131 13.24 23.44 3.21
CA ASP D 131 13.66 24.17 2.02
C ASP D 131 14.70 23.40 1.24
N ALA D 132 14.35 23.06 0.01
CA ALA D 132 15.30 22.39 -0.87
C ALA D 132 16.57 23.23 -1.08
N VAL D 133 16.42 24.47 -1.57
CA VAL D 133 17.59 25.25 -1.93
C VAL D 133 18.43 25.58 -0.70
N GLU D 134 17.78 25.72 0.44
CA GLU D 134 18.54 26.06 1.61
C GLU D 134 19.29 24.84 2.07
N ASP D 135 18.72 23.65 1.88
CA ASP D 135 19.36 22.50 2.48
C ASP D 135 20.55 22.01 1.69
N VAL D 136 20.63 22.41 0.43
CA VAL D 136 21.85 22.16 -0.34
C VAL D 136 22.99 22.89 0.35
N ARG D 137 22.72 24.11 0.77
CA ARG D 137 23.68 24.90 1.51
C ARG D 137 24.08 24.21 2.79
N GLN D 138 23.09 23.85 3.60
CA GLN D 138 23.31 23.14 4.85
C GLN D 138 24.04 21.82 4.61
N SER D 139 23.78 21.18 3.48
CA SER D 139 24.44 19.93 3.13
C SER D 139 25.92 20.10 2.85
N LEU D 140 26.29 21.16 2.13
CA LEU D 140 27.68 21.49 1.88
C LEU D 140 28.46 21.69 3.19
N ARG D 141 27.89 22.55 4.03
CA ARG D 141 28.49 22.87 5.32
C ARG D 141 28.75 21.63 6.15
N ARG D 142 27.87 20.64 6.07
CA ARG D 142 28.15 19.34 6.67
C ARG D 142 29.43 18.71 6.12
N ILE D 143 29.52 18.63 4.80
CA ILE D 143 30.68 18.02 4.19
C ILE D 143 31.92 18.81 4.54
N GLU D 144 31.88 20.12 4.28
CA GLU D 144 33.01 21.03 4.57
C GLU D 144 33.56 20.85 5.98
N VAL D 145 32.74 21.18 6.98
CA VAL D 145 33.12 21.08 8.39
C VAL D 145 33.49 19.66 8.85
N ASN D 146 33.25 18.64 8.00
CA ASN D 146 33.48 17.23 8.39
C ASN D 146 34.89 16.74 8.12
N PRO D 147 35.55 16.27 9.18
CA PRO D 147 36.96 15.84 9.31
C PRO D 147 37.39 14.66 8.44
N PHE D 148 36.44 13.82 8.06
CA PHE D 148 36.75 12.59 7.35
C PHE D 148 36.61 12.72 5.84
N VAL D 149 35.80 13.68 5.41
CA VAL D 149 35.69 14.01 3.99
C VAL D 149 36.46 15.30 3.68
N THR D 150 37.71 15.11 3.27
CA THR D 150 38.62 16.22 3.09
C THR D 150 39.59 16.05 1.94
N LYS D 151 39.70 14.86 1.38
CA LYS D 151 40.62 14.62 0.28
C LYS D 151 40.08 15.13 -1.08
N HIS D 152 39.00 15.90 -1.06
CA HIS D 152 38.33 16.32 -2.29
C HIS D 152 38.67 17.75 -2.79
N THR D 153 38.71 17.92 -4.10
CA THR D 153 39.04 19.20 -4.73
C THR D 153 37.87 19.91 -5.42
N SER D 154 36.65 19.40 -5.23
CA SER D 154 35.46 20.05 -5.75
C SER D 154 34.21 19.55 -5.04
N LEU D 155 33.54 20.46 -4.34
CA LEU D 155 32.31 20.16 -3.63
C LEU D 155 31.24 21.16 -4.06
N ARG D 156 30.28 20.73 -4.87
CA ARG D 156 29.30 21.65 -5.47
C ARG D 156 27.89 21.08 -5.44
N GLY D 157 26.93 21.91 -5.07
CA GLY D 157 25.55 21.49 -4.88
C GLY D 157 24.60 21.99 -5.95
N PHE D 158 23.62 21.17 -6.30
CA PHE D 158 22.67 21.52 -7.36
C PHE D 158 21.26 21.16 -6.95
N VAL D 159 20.27 21.71 -7.68
CA VAL D 159 18.88 21.30 -7.53
C VAL D 159 18.28 20.82 -8.86
N PHE D 160 17.81 19.58 -8.86
CA PHE D 160 17.18 19.00 -10.03
C PHE D 160 15.74 19.48 -10.13
N ASP D 161 15.42 20.12 -11.24
CA ASP D 161 14.02 20.48 -11.51
C ASP D 161 13.32 19.29 -12.12
N VAL D 162 12.38 18.71 -11.37
CA VAL D 162 11.70 17.51 -11.85
C VAL D 162 10.68 17.83 -12.95
N ALA D 163 10.44 19.12 -13.19
CA ALA D 163 9.60 19.55 -14.30
C ALA D 163 10.43 19.80 -15.57
N THR D 164 11.72 20.08 -15.44
CA THR D 164 12.51 20.43 -16.61
C THR D 164 13.69 19.48 -16.88
N GLY D 165 14.29 18.96 -15.81
CA GLY D 165 15.48 18.11 -15.96
C GLY D 165 16.79 18.87 -15.84
N LYS D 166 16.71 20.18 -15.66
CA LYS D 166 17.91 20.99 -15.51
C LYS D 166 18.38 20.98 -14.06
N LEU D 167 19.67 21.27 -13.90
CA LEU D 167 20.29 21.40 -12.59
C LEU D 167 20.61 22.88 -12.30
N ASN D 168 19.86 23.51 -11.41
CA ASN D 168 20.22 24.85 -11.01
C ASN D 168 21.21 24.78 -9.83
N GLU D 169 22.45 25.23 -10.03
CA GLU D 169 23.47 25.14 -8.97
C GLU D 169 23.21 26.12 -7.83
N VAL D 170 23.51 25.69 -6.61
CA VAL D 170 23.32 26.50 -5.40
C VAL D 170 24.65 27.04 -4.91
N THR D 171 24.64 28.29 -4.44
CA THR D 171 25.84 28.91 -3.86
C THR D 171 25.91 28.70 -2.36
N PRO D 172 27.04 28.17 -1.88
CA PRO D 172 27.27 27.78 -0.48
C PRO D 172 26.80 28.84 0.52
ZN ZN E . -31.33 0.80 5.55
MG MG F . -33.56 -20.47 -5.09
CL CL G . -20.79 -5.81 9.25
ZN ZN H . -13.19 -12.43 0.76
ZN ZN I . 30.50 -2.04 -3.30
MG MG J . 10.04 -6.95 10.11
CL CL K . 21.35 5.40 -9.52
ZN ZN L . 13.41 13.33 -2.38
#